data_7UPX
#
_entry.id   7UPX
#
_cell.length_a   1.00
_cell.length_b   1.00
_cell.length_c   1.00
_cell.angle_alpha   90.00
_cell.angle_beta   90.00
_cell.angle_gamma   90.00
#
_symmetry.space_group_name_H-M   'P 1'
#
loop_
_entity.id
_entity.type
_entity.pdbx_description
1 polymer 'Spike glycoprotein'
2 polymer 'SP1-77 Fab heavy chain'
3 polymer 'SP1-77 Fab light chain'
4 branched 2-acetamido-2-deoxy-beta-D-glucopyranose-(1-4)-[alpha-L-fucopyranose-(1-6)]2-acetamido-2-deoxy-beta-D-glucopyranose
#
loop_
_entity_poly.entity_id
_entity_poly.type
_entity_poly.pdbx_seq_one_letter_code
_entity_poly.pdbx_strand_id
1 'polypeptide(L)'
;MFVFLVLLPLVSSQCVNLTTRTQLPPAYTNSFTRGVYYPDKVFRSSVLHSTQDLFLPFFSNVTWFHAIHVSGTNGTKRFD
NPVLPFNDGVYFASTEKSNIIRGWIFGTTLDSKTQSLLIVNNATNVVIKVCEFQFCNDPFLGVYYHKNNKSWMESEFRVY
SSANNCTFEYVSQPFLMDLEGKQGNFKNLREFVFKNIDGYFKIYSKHTPINLVRDLPQGFSALEPLVDLPIGINITRFQT
LLALHRSYLTPGDSSSGWTAGAAAYYVGYLQPRTFLLKYNENGTITDAVDCALDPLSETKCTLKSFTVEKGIYQTSNFRV
QPTESIVRFPNITNLCPFGEVFNATRFASVYAWNRKRISNCVADYSVLYNSASFSTFKCYGVSPTKLNDLCFTNVYADSF
VIRGDEVRQIAPGQTGKIADYNYKLPDDFTGCVIAWNSNNLDSKVGGNYNYLYRLFRKSNLKPFERDISTEIYQAGSTPC
NGVEGFNCYFPLQSYGFQPTNGVGYQPYRVVVLSFELLHAPATVCGPKKSTNLVKNKCVNFNFNGLTGTGVLTESNKKFL
PFQQFGRDIADTTDAVRDPQTLEILDITPCSFGGVSVITPGTNTSNQVAVLYQGVNCTEVPVAIHADQLTPTWRVYSTGS
NVFQTRAGCLIGAEHVNNSYECDIPIGAGICASYQTQTNSPRRARSVASQSIIAYTMSLGAENSVAYSNNSIAIPTNFTI
SVTTEILPVSMTKTSVDCTMYICGDSTECSNLLLQYGSFCTQLNRALTGIAVEQDKNTQEVFAQVKQIYKTPPIKDFGGF
NFSQILPDPSKPSKRSFIEDLLFNKVTLADAGFIKQYGDCLGDIAARDLICAQKFNGLTVLPPLLTDEMIAQYTSALLAG
TITSGWTFGAGAALQIPFAMQMAYRFNGIGVTQNVLYENQKLIANQFNSAIGKIQDSLSSTASALGKLQDVVNQNAQALN
TLVKQLSSNFGAISSVLNDILSRLDKVEAEVQIDRLITGRLQSLQTYVTQQLIRAAEIRASANLAATKMSECVLGQSKRV
DFCGKGYHLMSFPQSAPHGVVFLHVTYVPAQEKNFTTAPAICHDGKAHFPREGVFVSNGTHWFVTQRNFYEPQIITTDNT
FVSGNCDVVIGIVNNTVYDPLQPELDSFKEELDKYFKNHTSPDVDLGDISGINASVVNIQKEIDRLNEVAKNLNESLIDL
QELGKYEQYIKWPWYIWLGFIAGLIAIVMVTIMLCCMTSCCSCLKGCCSCGSCCKFDEDDSEPVLKGVKLHYTLESGGGS
AWSHPQFEKGGGSGGGSGGSSAWSHPQFEK
;
A
2 'polypeptide(L)'
;QVQLVQSGAEVKKPGASVKVSCKASGYTFTGTYIHWVRQAPGQGLEWMGWINPNSGGTNFAQIFQGRVTLTRDTSISTAY
MDLNRLKSDDTAVYYCARDRVLYGRSFGWYFDVWGAGTTVTVSSASTKGPSVFPLAPCSRSTSESTAALGCLVKDYFPEP
VTVSWNSGALTSGVHTFPAVLQSSGLYSLSSVVTVPSSSLGTKTYTCNVDHKPSNTKVDKRVESKYGPPCPSCPAPEFLG
GPSVFLFPPKPKDTLMISRTPEVTCVVVDVSQEDPEVQFNWYVDGVEVHNAKTKPREEQFNSTYRVVSVLTVLHQDWLNG
KEYKCKVSNKGLPSSIEKTISKAKGQPREPQVYTLPPSQEEMTKNQVSLTCLVKGFYPSDIAVEWESNGQPENNYKTTPP
VLDSDGSFFLYSRLTVDKSRWQEGNVFSCSVMHEALHNHYTQKSLSLSLGK
;
H
3 'polypeptide(L)'
;DIQMTQSPSSLSASVGDRVTITCQASQDISDYLNWYQQQPGKAPKLLIYDASNLETGVPSRFSGSGSGTDFTFTISSLQP
EDIGTYYCQQYDNLPTFGGGTKLEIKRTVAAPSVFIFPPSDEQLKSGTASVVCLLNNFYPREAKVQWKVDNALQSGNSQE
SVTEQDSKDSTYSLSSTLTLSKADYEKHKVYACEVTHQGLSSPVTKSFNRGEC
;
L
#
# COMPACT_ATOMS: atom_id res chain seq x y z
N ILE A 332 3.60 -38.74 -10.75
CA ILE A 332 3.32 -37.39 -10.17
C ILE A 332 4.45 -36.96 -9.23
N THR A 333 4.73 -35.65 -9.11
CA THR A 333 5.88 -35.13 -8.33
C THR A 333 5.58 -33.90 -7.46
N ASN A 334 4.62 -33.05 -7.85
CA ASN A 334 4.25 -31.84 -7.13
C ASN A 334 3.57 -32.16 -5.78
N LEU A 335 3.88 -31.40 -4.73
CA LEU A 335 3.36 -31.64 -3.38
C LEU A 335 1.93 -31.11 -3.20
N CYS A 336 1.21 -31.65 -2.20
CA CYS A 336 -0.11 -31.18 -1.79
C CYS A 336 -0.14 -29.70 -1.36
N PRO A 337 -1.28 -29.03 -1.50
CA PRO A 337 -1.52 -27.67 -0.99
C PRO A 337 -1.80 -27.63 0.53
N PHE A 338 -1.11 -28.43 1.34
CA PHE A 338 -1.37 -28.42 2.78
C PHE A 338 -1.03 -27.08 3.46
N GLY A 339 -0.16 -26.23 2.91
CA GLY A 339 0.04 -24.88 3.45
C GLY A 339 -1.22 -24.02 3.34
N GLU A 340 -1.90 -24.04 2.21
CA GLU A 340 -3.16 -23.34 1.97
C GLU A 340 -4.30 -23.84 2.85
N VAL A 341 -4.29 -25.12 3.20
CA VAL A 341 -5.31 -25.73 4.08
C VAL A 341 -5.03 -25.39 5.54
N PHE A 342 -3.82 -25.65 6.05
CA PHE A 342 -3.51 -25.57 7.48
C PHE A 342 -3.08 -24.18 7.96
N ASN A 343 -2.54 -23.31 7.10
CA ASN A 343 -2.01 -22.00 7.49
C ASN A 343 -2.72 -20.80 6.88
N ALA A 344 -3.80 -20.97 6.11
CA ALA A 344 -4.59 -19.86 5.62
C ALA A 344 -5.07 -18.92 6.73
N THR A 345 -5.14 -17.63 6.45
CA THR A 345 -5.29 -16.60 7.50
C THR A 345 -6.61 -16.68 8.24
N ARG A 346 -7.70 -16.92 7.51
CA ARG A 346 -9.03 -17.04 8.10
C ARG A 346 -9.78 -18.30 7.61
N PHE A 347 -10.25 -19.10 8.56
CA PHE A 347 -11.00 -20.32 8.29
C PHE A 347 -12.48 -20.00 8.11
N ALA A 348 -13.26 -20.97 7.64
CA ALA A 348 -14.71 -20.82 7.56
C ALA A 348 -15.36 -20.92 8.94
N SER A 349 -16.53 -20.29 9.11
CA SER A 349 -17.43 -20.60 10.21
C SER A 349 -17.93 -22.04 10.10
N VAL A 350 -18.13 -22.73 11.23
CA VAL A 350 -18.53 -24.14 11.19
C VAL A 350 -19.87 -24.38 10.49
N TYR A 351 -20.83 -23.45 10.56
CA TYR A 351 -22.09 -23.61 9.81
C TYR A 351 -21.90 -23.63 8.29
N ALA A 352 -20.82 -23.01 7.80
CA ALA A 352 -20.51 -22.80 6.39
C ALA A 352 -19.15 -23.41 6.05
N TRP A 353 -18.81 -24.55 6.67
CA TRP A 353 -17.52 -25.22 6.54
C TRP A 353 -17.10 -25.36 5.06
N ASN A 354 -15.87 -24.94 4.77
CA ASN A 354 -15.32 -24.89 3.41
C ASN A 354 -14.70 -26.24 3.04
N ARG A 355 -14.84 -26.68 1.77
CA ARG A 355 -14.26 -27.91 1.22
C ARG A 355 -13.27 -27.60 0.12
N LYS A 356 -12.07 -28.21 0.18
CA LYS A 356 -11.05 -28.16 -0.87
C LYS A 356 -10.76 -29.55 -1.41
N ARG A 357 -10.77 -29.69 -2.73
CA ARG A 357 -10.45 -30.96 -3.38
C ARG A 357 -8.94 -31.06 -3.67
N ILE A 358 -8.32 -32.12 -3.16
CA ILE A 358 -6.90 -32.39 -3.32
C ILE A 358 -6.75 -33.54 -4.34
N SER A 359 -5.93 -33.33 -5.35
CA SER A 359 -5.76 -34.25 -6.49
C SER A 359 -4.42 -34.03 -7.19
N ASN A 360 -3.98 -35.01 -7.98
CA ASN A 360 -2.77 -34.97 -8.82
C ASN A 360 -1.51 -34.46 -8.07
N CYS A 361 -1.24 -34.96 -6.86
CA CYS A 361 -0.11 -34.52 -6.04
C CYS A 361 0.40 -35.56 -5.01
N VAL A 362 1.64 -35.36 -4.55
CA VAL A 362 2.29 -36.15 -3.49
C VAL A 362 1.93 -35.62 -2.12
N ALA A 363 1.65 -36.49 -1.15
CA ALA A 363 1.11 -36.16 0.16
C ALA A 363 1.99 -36.74 1.28
N ASP A 364 3.02 -36.02 1.72
CA ASP A 364 3.85 -36.48 2.84
C ASP A 364 3.18 -36.22 4.19
N TYR A 365 2.28 -37.13 4.60
CA TYR A 365 1.57 -37.06 5.87
C TYR A 365 2.48 -37.12 7.10
N SER A 366 3.72 -37.59 7.00
CA SER A 366 4.67 -37.55 8.12
C SER A 366 4.97 -36.11 8.56
N VAL A 367 4.95 -35.14 7.63
CA VAL A 367 5.14 -33.71 7.91
C VAL A 367 4.00 -33.15 8.76
N LEU A 368 2.77 -33.62 8.56
CA LEU A 368 1.64 -33.25 9.42
C LEU A 368 1.69 -34.02 10.75
N TYR A 369 1.79 -35.35 10.71
CA TYR A 369 1.60 -36.16 11.92
C TYR A 369 2.71 -35.97 12.96
N ASN A 370 3.95 -35.70 12.54
CA ASN A 370 5.04 -35.40 13.48
C ASN A 370 4.93 -34.01 14.13
N SER A 371 4.03 -33.14 13.67
CA SER A 371 3.88 -31.76 14.16
C SER A 371 3.16 -31.72 15.52
N ALA A 372 3.87 -31.27 16.56
CA ALA A 372 3.34 -31.17 17.92
C ALA A 372 2.19 -30.15 18.08
N SER A 373 2.00 -29.25 17.11
CA SER A 373 0.94 -28.23 17.15
C SER A 373 -0.48 -28.79 17.09
N PHE A 374 -0.70 -29.98 16.51
CA PHE A 374 -2.01 -30.62 16.48
C PHE A 374 -2.36 -31.26 17.84
N SER A 375 -3.41 -30.75 18.48
CA SER A 375 -3.94 -31.24 19.75
C SER A 375 -4.75 -32.53 19.63
N THR A 376 -5.11 -32.90 18.40
CA THR A 376 -5.95 -34.02 18.02
C THR A 376 -5.62 -34.38 16.58
N PHE A 377 -5.38 -35.64 16.31
CA PHE A 377 -5.10 -36.19 14.99
C PHE A 377 -5.58 -37.63 15.02
N LYS A 378 -6.90 -37.82 14.87
CA LYS A 378 -7.56 -39.12 15.05
C LYS A 378 -8.01 -39.63 13.71
N CYS A 379 -7.65 -40.87 13.37
CA CYS A 379 -7.92 -41.48 12.07
C CYS A 379 -8.92 -42.64 12.19
N TYR A 380 -9.85 -42.73 11.26
CA TYR A 380 -11.04 -43.59 11.40
C TYR A 380 -11.11 -44.79 10.46
N GLY A 381 -10.07 -45.05 9.67
CA GLY A 381 -9.99 -46.27 8.86
C GLY A 381 -8.57 -46.62 8.38
N VAL A 382 -7.55 -45.97 8.94
CA VAL A 382 -6.11 -46.14 8.68
C VAL A 382 -5.35 -45.79 9.95
N SER A 383 -4.13 -46.30 10.13
CA SER A 383 -3.21 -45.75 11.13
C SER A 383 -2.54 -44.50 10.55
N PRO A 384 -2.28 -43.44 11.33
CA PRO A 384 -1.61 -42.25 10.81
C PRO A 384 -0.16 -42.52 10.39
N THR A 385 0.48 -43.55 10.94
CA THR A 385 1.82 -44.01 10.50
C THR A 385 1.81 -44.63 9.10
N LYS A 386 0.70 -45.22 8.65
CA LYS A 386 0.56 -45.88 7.34
C LYS A 386 0.16 -44.96 6.21
N LEU A 387 -0.23 -43.71 6.48
CA LEU A 387 -0.70 -42.76 5.45
C LEU A 387 0.32 -42.53 4.32
N ASN A 388 1.62 -42.59 4.60
CA ASN A 388 2.68 -42.45 3.59
C ASN A 388 2.83 -43.66 2.64
N ASP A 389 2.27 -44.82 2.98
CA ASP A 389 2.34 -46.06 2.18
C ASP A 389 1.07 -46.32 1.36
N LEU A 390 0.21 -45.30 1.20
CA LEU A 390 -1.11 -45.39 0.58
C LEU A 390 -1.27 -44.35 -0.52
N CYS A 391 -2.15 -44.65 -1.46
CA CYS A 391 -2.53 -43.77 -2.56
C CYS A 391 -4.06 -43.70 -2.61
N PHE A 392 -4.62 -42.51 -2.79
CA PHE A 392 -6.00 -42.17 -2.44
C PHE A 392 -6.80 -41.74 -3.68
N THR A 393 -8.07 -42.12 -3.71
CA THR A 393 -8.94 -42.02 -4.90
C THR A 393 -9.22 -40.56 -5.26
N ASN A 394 -9.83 -39.87 -4.31
CA ASN A 394 -10.03 -38.42 -4.24
C ASN A 394 -9.86 -38.05 -2.76
N VAL A 395 -9.44 -36.83 -2.47
CA VAL A 395 -9.24 -36.37 -1.09
C VAL A 395 -9.91 -35.01 -0.96
N TYR A 396 -10.77 -34.82 0.03
CA TYR A 396 -11.36 -33.52 0.33
C TYR A 396 -10.97 -33.12 1.74
N ALA A 397 -10.39 -31.93 1.89
CA ALA A 397 -10.13 -31.31 3.18
C ALA A 397 -11.25 -30.33 3.53
N ASP A 398 -11.94 -30.56 4.65
CA ASP A 398 -12.99 -29.67 5.17
C ASP A 398 -12.44 -28.79 6.30
N SER A 399 -12.48 -27.47 6.15
CA SER A 399 -11.88 -26.51 7.08
C SER A 399 -12.94 -25.70 7.81
N PHE A 400 -12.85 -25.58 9.14
CA PHE A 400 -13.72 -24.73 9.95
C PHE A 400 -13.17 -24.46 11.36
N VAL A 401 -13.74 -23.48 12.07
CA VAL A 401 -13.44 -23.15 13.48
C VAL A 401 -14.61 -23.44 14.41
N ILE A 402 -14.32 -24.05 15.56
CA ILE A 402 -15.26 -24.36 16.64
C ILE A 402 -14.67 -24.04 18.01
N ARG A 403 -15.53 -24.14 19.03
CA ARG A 403 -15.13 -23.94 20.42
C ARG A 403 -14.33 -25.16 20.86
N GLY A 404 -13.47 -25.01 21.85
CA GLY A 404 -12.61 -26.13 22.24
C GLY A 404 -13.34 -27.33 22.86
N ASP A 405 -14.37 -27.10 23.67
CA ASP A 405 -15.21 -28.17 24.24
C ASP A 405 -16.05 -28.91 23.20
N GLU A 406 -16.20 -28.35 21.99
CA GLU A 406 -16.98 -28.90 20.90
C GLU A 406 -16.16 -29.76 19.94
N VAL A 407 -14.83 -29.78 20.04
CA VAL A 407 -13.95 -30.64 19.22
C VAL A 407 -14.27 -32.12 19.41
N ARG A 408 -14.79 -32.52 20.58
CA ARG A 408 -15.26 -33.90 20.83
C ARG A 408 -16.40 -34.33 19.91
N GLN A 409 -17.16 -33.39 19.35
CA GLN A 409 -18.34 -33.68 18.51
C GLN A 409 -17.98 -34.03 17.08
N ILE A 410 -16.76 -33.77 16.62
CA ILE A 410 -16.39 -33.99 15.22
C ILE A 410 -16.06 -35.45 14.90
N ALA A 411 -15.90 -36.35 15.88
CA ALA A 411 -15.75 -37.78 15.62
C ALA A 411 -17.06 -38.42 15.08
N PRO A 412 -17.01 -39.41 14.19
CA PRO A 412 -18.20 -40.04 13.61
C PRO A 412 -19.00 -40.80 14.67
N GLY A 413 -20.32 -40.59 14.67
CA GLY A 413 -21.22 -41.13 15.69
C GLY A 413 -21.44 -40.25 16.91
N GLN A 414 -20.70 -39.16 17.10
CA GLN A 414 -20.95 -38.17 18.15
C GLN A 414 -22.15 -37.27 17.85
N THR A 415 -22.69 -36.63 18.89
CA THR A 415 -23.92 -35.83 18.87
C THR A 415 -23.83 -34.67 19.86
N GLY A 416 -24.58 -33.61 19.60
CA GLY A 416 -24.45 -32.29 20.21
C GLY A 416 -24.60 -31.22 19.12
N LYS A 417 -24.85 -29.95 19.46
CA LYS A 417 -25.32 -28.95 18.49
C LYS A 417 -24.43 -28.78 17.25
N ILE A 418 -23.13 -29.02 17.32
CA ILE A 418 -22.25 -28.98 16.16
C ILE A 418 -22.44 -30.21 15.26
N ALA A 419 -22.45 -31.41 15.81
CA ALA A 419 -22.65 -32.62 15.03
C ALA A 419 -24.08 -32.75 14.51
N ASP A 420 -25.06 -32.28 15.26
CA ASP A 420 -26.47 -32.34 14.91
C ASP A 420 -26.83 -31.35 13.82
N TYR A 421 -26.42 -30.07 13.94
CA TYR A 421 -26.97 -28.99 13.12
C TYR A 421 -26.01 -28.36 12.11
N ASN A 422 -24.69 -28.56 12.17
CA ASN A 422 -23.77 -27.91 11.22
C ASN A 422 -22.67 -28.77 10.58
N TYR A 423 -22.15 -29.81 11.22
CA TYR A 423 -21.14 -30.67 10.59
C TYR A 423 -21.21 -32.12 11.07
N LYS A 424 -21.88 -32.98 10.30
CA LYS A 424 -22.07 -34.39 10.61
C LYS A 424 -21.11 -35.24 9.80
N LEU A 425 -20.34 -36.11 10.46
CA LEU A 425 -19.60 -37.20 9.81
C LEU A 425 -20.39 -38.51 9.84
N PRO A 426 -20.36 -39.32 8.76
CA PRO A 426 -21.06 -40.59 8.71
C PRO A 426 -20.38 -41.65 9.58
N ASP A 427 -21.12 -42.63 10.09
CA ASP A 427 -20.57 -43.65 11.01
C ASP A 427 -19.50 -44.55 10.38
N ASP A 428 -19.49 -44.67 9.05
CA ASP A 428 -18.50 -45.39 8.26
C ASP A 428 -17.46 -44.46 7.61
N PHE A 429 -17.23 -43.28 8.18
CA PHE A 429 -16.18 -42.35 7.78
C PHE A 429 -14.78 -42.99 7.78
N THR A 430 -14.05 -42.82 6.68
CA THR A 430 -12.63 -43.19 6.50
C THR A 430 -11.84 -41.92 6.20
N GLY A 431 -10.83 -41.60 7.01
CA GLY A 431 -10.21 -40.27 6.99
C GLY A 431 -9.60 -39.85 8.33
N CYS A 432 -9.21 -38.59 8.45
CA CYS A 432 -8.58 -38.01 9.64
C CYS A 432 -9.37 -36.80 10.13
N VAL A 433 -9.46 -36.59 11.44
CA VAL A 433 -9.85 -35.31 12.04
C VAL A 433 -8.62 -34.75 12.73
N ILE A 434 -8.20 -33.54 12.33
CA ILE A 434 -6.98 -32.88 12.79
C ILE A 434 -7.38 -31.53 13.38
N ALA A 435 -7.05 -31.23 14.63
CA ALA A 435 -7.48 -30.00 15.29
C ALA A 435 -6.39 -29.34 16.15
N TRP A 436 -6.32 -28.02 16.16
CA TRP A 436 -5.33 -27.27 16.93
C TRP A 436 -5.91 -25.97 17.49
N ASN A 437 -5.44 -25.57 18.67
CA ASN A 437 -5.88 -24.34 19.34
C ASN A 437 -5.42 -23.11 18.54
N SER A 438 -6.30 -22.14 18.35
CA SER A 438 -6.04 -20.92 17.58
C SER A 438 -6.15 -19.66 18.42
N ASN A 439 -5.94 -19.71 19.73
CA ASN A 439 -6.23 -18.56 20.57
C ASN A 439 -5.37 -17.32 20.24
N ASN A 440 -4.19 -17.47 19.65
CA ASN A 440 -3.39 -16.32 19.19
C ASN A 440 -3.73 -15.84 17.76
N LEU A 441 -4.74 -16.44 17.11
CA LEU A 441 -5.03 -16.33 15.68
C LEU A 441 -6.48 -15.95 15.39
N ASP A 442 -7.41 -16.57 16.10
CA ASP A 442 -8.86 -16.45 15.94
C ASP A 442 -9.53 -15.66 17.08
N SER A 443 -8.78 -15.27 18.11
CA SER A 443 -9.28 -14.69 19.37
C SER A 443 -8.79 -13.25 19.56
N LYS A 444 -9.68 -12.30 19.94
CA LYS A 444 -9.40 -10.85 19.95
C LYS A 444 -9.75 -10.21 21.30
N VAL A 445 -9.01 -9.23 21.81
CA VAL A 445 -9.26 -8.70 23.18
C VAL A 445 -10.65 -8.07 23.41
N GLY A 446 -11.36 -7.67 22.37
CA GLY A 446 -12.77 -7.23 22.45
C GLY A 446 -13.81 -8.30 22.10
N GLY A 447 -13.39 -9.53 21.80
CA GLY A 447 -14.21 -10.58 21.21
C GLY A 447 -14.16 -10.57 19.68
N ASN A 448 -13.70 -11.66 19.07
CA ASN A 448 -13.85 -11.89 17.63
C ASN A 448 -15.19 -12.60 17.34
N TYR A 449 -16.22 -11.84 16.99
CA TYR A 449 -17.54 -12.36 16.68
C TYR A 449 -17.72 -12.82 15.21
N ASN A 450 -16.66 -12.90 14.40
CA ASN A 450 -16.72 -13.26 12.98
C ASN A 450 -17.09 -14.73 12.70
N TYR A 451 -16.98 -15.60 13.71
CA TYR A 451 -17.21 -17.04 13.59
C TYR A 451 -18.57 -17.42 14.16
N LEU A 452 -19.37 -18.16 13.38
CA LEU A 452 -20.75 -18.52 13.72
C LEU A 452 -20.97 -20.04 13.71
N TYR A 453 -21.99 -20.48 14.44
CA TYR A 453 -22.52 -21.83 14.40
C TYR A 453 -24.06 -21.79 14.29
N ARG A 454 -24.64 -22.94 13.97
CA ARG A 454 -26.09 -23.06 13.84
C ARG A 454 -26.68 -23.49 15.18
N LEU A 455 -27.41 -22.57 15.82
CA LEU A 455 -28.02 -22.86 17.11
C LEU A 455 -29.32 -23.64 16.97
N PHE A 456 -30.01 -23.53 15.82
CA PHE A 456 -31.30 -24.17 15.57
C PHE A 456 -31.45 -24.76 14.15
N ARG A 457 -32.22 -25.85 14.09
CA ARG A 457 -32.60 -26.58 12.87
C ARG A 457 -33.82 -27.51 13.09
N LYS A 458 -34.81 -27.49 12.18
CA LYS A 458 -36.00 -28.35 12.31
C LYS A 458 -35.65 -29.83 12.55
N SER A 459 -34.61 -30.33 11.89
CA SER A 459 -34.11 -31.71 11.95
C SER A 459 -32.59 -31.75 11.81
N ASN A 460 -31.91 -32.72 12.41
CA ASN A 460 -30.45 -32.85 12.33
C ASN A 460 -30.00 -33.07 10.87
N LEU A 461 -28.90 -32.45 10.44
CA LEU A 461 -28.47 -32.54 9.04
C LEU A 461 -27.79 -33.87 8.71
N LYS A 462 -27.81 -34.27 7.43
CA LYS A 462 -27.26 -35.54 6.96
C LYS A 462 -25.72 -35.50 6.86
N PRO A 463 -25.01 -36.64 6.86
CA PRO A 463 -23.57 -36.66 6.74
C PRO A 463 -23.01 -35.81 5.59
N PHE A 464 -22.02 -34.98 5.87
CA PHE A 464 -21.40 -34.02 4.94
C PHE A 464 -22.37 -33.06 4.21
N GLU A 465 -23.60 -32.86 4.69
CA GLU A 465 -24.43 -31.71 4.31
C GLU A 465 -23.87 -30.43 4.94
N ARG A 466 -24.17 -29.25 4.35
CA ARG A 466 -23.87 -27.91 4.88
C ARG A 466 -25.12 -26.99 4.71
N ASP A 467 -25.61 -26.33 5.77
CA ASP A 467 -26.79 -25.47 5.68
C ASP A 467 -26.42 -24.00 5.89
N ILE A 468 -26.46 -23.22 4.81
CA ILE A 468 -26.17 -21.79 4.78
C ILE A 468 -27.42 -20.95 5.09
N SER A 469 -28.63 -21.51 5.01
CA SER A 469 -29.86 -20.73 4.98
C SER A 469 -30.18 -20.04 6.31
N THR A 470 -30.46 -18.74 6.27
CA THR A 470 -30.72 -17.89 7.46
C THR A 470 -32.20 -17.56 7.66
N GLU A 471 -33.10 -18.43 7.20
CA GLU A 471 -34.54 -18.36 7.51
C GLU A 471 -34.78 -18.42 9.03
N ILE A 472 -35.68 -17.55 9.52
CA ILE A 472 -35.97 -17.41 10.95
C ILE A 472 -36.56 -18.71 11.49
N TYR A 473 -35.96 -19.26 12.54
CA TYR A 473 -36.42 -20.49 13.19
C TYR A 473 -37.60 -20.22 14.10
N GLN A 474 -38.57 -21.13 14.15
CA GLN A 474 -39.81 -20.99 14.90
C GLN A 474 -39.89 -22.04 16.02
N ALA A 475 -39.57 -21.65 17.24
CA ALA A 475 -39.71 -22.50 18.42
C ALA A 475 -41.14 -22.48 19.01
N GLY A 476 -41.85 -21.36 18.87
CA GLY A 476 -43.26 -21.20 19.29
C GLY A 476 -44.25 -22.00 18.44
N SER A 477 -45.46 -22.22 18.97
CA SER A 477 -46.52 -22.98 18.30
C SER A 477 -47.10 -22.23 17.10
N THR A 478 -47.30 -20.92 17.20
CA THR A 478 -47.77 -20.07 16.09
C THR A 478 -46.74 -20.00 14.96
N PRO A 479 -47.16 -20.06 13.69
CA PRO A 479 -46.36 -19.57 12.57
C PRO A 479 -45.84 -18.14 12.81
N CYS A 480 -44.81 -17.76 12.06
CA CYS A 480 -44.22 -16.43 12.09
C CYS A 480 -43.87 -15.93 10.68
N ASN A 481 -43.80 -14.61 10.54
CA ASN A 481 -43.53 -13.90 9.30
C ASN A 481 -42.61 -12.70 9.59
N GLY A 482 -41.97 -12.17 8.56
CA GLY A 482 -41.00 -11.07 8.71
C GLY A 482 -39.73 -11.53 9.42
N VAL A 483 -39.05 -10.59 10.09
CA VAL A 483 -37.69 -10.80 10.63
C VAL A 483 -37.62 -11.45 12.01
N GLU A 484 -38.65 -11.33 12.85
CA GLU A 484 -38.60 -11.70 14.28
C GLU A 484 -39.99 -11.94 14.87
N GLY A 485 -40.07 -12.51 16.08
CA GLY A 485 -41.29 -12.65 16.87
C GLY A 485 -41.05 -13.28 18.25
N PHE A 486 -42.08 -13.38 19.08
CA PHE A 486 -42.01 -14.10 20.36
C PHE A 486 -41.79 -15.61 20.12
N ASN A 487 -40.80 -16.19 20.81
CA ASN A 487 -40.32 -17.56 20.59
C ASN A 487 -40.00 -17.89 19.11
N CYS A 488 -39.55 -16.89 18.35
CA CYS A 488 -38.91 -17.06 17.04
C CYS A 488 -37.51 -16.45 17.09
N TYR A 489 -36.56 -17.08 16.42
CA TYR A 489 -35.13 -16.82 16.63
C TYR A 489 -34.38 -16.76 15.31
N PHE A 490 -33.35 -15.92 15.21
CA PHE A 490 -32.39 -16.05 14.12
C PHE A 490 -31.60 -17.35 14.34
N PRO A 491 -31.36 -18.18 13.32
CA PRO A 491 -30.88 -19.54 13.53
C PRO A 491 -29.38 -19.63 13.82
N LEU A 492 -28.59 -18.70 13.32
CA LEU A 492 -27.14 -18.66 13.54
C LEU A 492 -26.79 -17.82 14.77
N GLN A 493 -25.72 -18.19 15.46
CA GLN A 493 -25.16 -17.43 16.58
C GLN A 493 -23.64 -17.35 16.46
N SER A 494 -23.04 -16.22 16.80
CA SER A 494 -21.61 -16.06 16.75
C SER A 494 -20.99 -16.52 18.02
N TYR A 495 -19.74 -16.95 17.95
CA TYR A 495 -18.98 -17.40 19.08
C TYR A 495 -18.19 -16.21 19.51
N GLY A 496 -18.06 -15.96 20.79
CA GLY A 496 -17.27 -14.81 21.21
C GLY A 496 -15.94 -15.24 21.72
N PHE A 497 -14.93 -15.22 20.86
CA PHE A 497 -13.56 -15.62 21.15
C PHE A 497 -12.70 -14.46 21.66
N GLN A 498 -12.26 -14.54 22.91
CA GLN A 498 -11.34 -13.59 23.54
C GLN A 498 -10.08 -14.34 24.00
N PRO A 499 -8.89 -13.75 23.96
CA PRO A 499 -7.67 -14.46 24.31
C PRO A 499 -7.60 -14.84 25.79
N THR A 500 -8.40 -14.19 26.63
CA THR A 500 -8.58 -14.49 28.05
C THR A 500 -9.70 -15.50 28.33
N ASN A 501 -10.38 -16.06 27.31
CA ASN A 501 -11.33 -17.16 27.52
C ASN A 501 -10.61 -18.36 28.15
N GLY A 502 -11.26 -19.04 29.09
CA GLY A 502 -10.76 -20.32 29.61
C GLY A 502 -10.61 -21.34 28.48
N VAL A 503 -9.59 -22.19 28.55
CA VAL A 503 -9.43 -23.28 27.57
C VAL A 503 -10.71 -24.12 27.52
N GLY A 504 -11.14 -24.51 26.32
CA GLY A 504 -12.48 -25.05 26.09
C GLY A 504 -13.47 -24.01 25.57
N TYR A 505 -13.36 -22.72 25.94
CA TYR A 505 -14.04 -21.59 25.29
C TYR A 505 -13.12 -20.82 24.32
N GLN A 506 -11.88 -21.25 24.15
CA GLN A 506 -10.96 -20.75 23.13
C GLN A 506 -11.27 -21.39 21.77
N PRO A 507 -10.95 -20.74 20.65
CA PRO A 507 -11.17 -21.29 19.32
C PRO A 507 -10.20 -22.41 18.99
N TYR A 508 -10.68 -23.46 18.34
CA TYR A 508 -9.89 -24.53 17.75
C TYR A 508 -10.21 -24.61 16.26
N ARG A 509 -9.17 -24.54 15.42
CA ARG A 509 -9.29 -24.85 13.99
C ARG A 509 -9.36 -26.36 13.81
N VAL A 510 -10.21 -26.81 12.91
CA VAL A 510 -10.36 -28.21 12.52
C VAL A 510 -10.13 -28.33 11.02
N VAL A 511 -9.41 -29.37 10.61
CA VAL A 511 -9.37 -29.87 9.23
C VAL A 511 -9.79 -31.33 9.26
N VAL A 512 -10.73 -31.74 8.42
CA VAL A 512 -11.11 -33.15 8.26
C VAL A 512 -10.71 -33.61 6.87
N LEU A 513 -9.90 -34.66 6.76
CA LEU A 513 -9.43 -35.19 5.48
C LEU A 513 -10.22 -36.46 5.16
N SER A 514 -10.92 -36.51 4.03
CA SER A 514 -11.99 -37.48 3.80
C SER A 514 -11.76 -38.36 2.55
N PHE A 515 -10.61 -39.00 2.49
CA PHE A 515 -10.18 -39.87 1.39
C PHE A 515 -10.90 -41.23 1.27
N GLU A 516 -10.80 -41.87 0.10
CA GLU A 516 -11.24 -43.25 -0.16
C GLU A 516 -10.14 -44.11 -0.81
N LEU A 517 -10.10 -45.41 -0.49
CA LEU A 517 -8.88 -46.24 -0.57
C LEU A 517 -9.01 -47.54 -1.38
N LEU A 518 -7.95 -47.84 -2.16
CA LEU A 518 -7.57 -49.19 -2.65
C LEU A 518 -8.63 -49.96 -3.48
N HIS A 519 -9.65 -49.28 -4.02
CA HIS A 519 -10.77 -49.88 -4.77
C HIS A 519 -11.19 -49.11 -6.03
N ALA A 520 -10.38 -48.14 -6.45
CA ALA A 520 -10.64 -47.21 -7.55
C ALA A 520 -9.31 -46.58 -8.01
N PRO A 521 -9.22 -45.95 -9.20
CA PRO A 521 -8.01 -45.28 -9.64
C PRO A 521 -7.68 -44.08 -8.75
N ALA A 522 -6.39 -43.84 -8.51
CA ALA A 522 -5.92 -42.94 -7.46
C ALA A 522 -5.04 -41.81 -8.01
N THR A 523 -5.10 -40.65 -7.34
CA THR A 523 -4.51 -39.39 -7.84
C THR A 523 -3.75 -38.59 -6.78
N VAL A 524 -3.84 -38.96 -5.50
CA VAL A 524 -3.07 -38.36 -4.39
C VAL A 524 -2.20 -39.46 -3.78
N CYS A 525 -0.90 -39.25 -3.61
CA CYS A 525 0.01 -40.36 -3.36
C CYS A 525 0.98 -40.11 -2.20
N GLY A 526 1.13 -41.04 -1.27
CA GLY A 526 2.24 -40.99 -0.32
C GLY A 526 3.60 -41.12 -1.05
N PRO A 527 4.68 -40.50 -0.55
CA PRO A 527 5.95 -40.33 -1.26
C PRO A 527 6.83 -41.59 -1.46
N LYS A 528 6.26 -42.79 -1.59
CA LYS A 528 6.98 -43.99 -2.04
C LYS A 528 7.33 -43.88 -3.53
N LYS A 529 8.56 -44.19 -3.93
CA LYS A 529 9.05 -44.06 -5.31
C LYS A 529 8.50 -45.14 -6.25
N GLN B 1 3.44 -16.14 -9.06
CA GLN B 1 3.30 -14.82 -9.73
C GLN B 1 1.94 -14.20 -9.43
N VAL B 2 1.71 -13.74 -8.19
CA VAL B 2 0.48 -12.99 -7.82
C VAL B 2 0.55 -11.54 -8.28
N GLN B 3 -0.54 -10.99 -8.82
CA GLN B 3 -0.53 -9.64 -9.38
C GLN B 3 -1.89 -8.95 -9.29
N LEU B 4 -1.89 -7.61 -9.15
CA LEU B 4 -3.05 -6.74 -9.29
C LEU B 4 -2.74 -5.65 -10.33
N VAL B 5 -3.49 -5.60 -11.44
CA VAL B 5 -3.29 -4.67 -12.55
C VAL B 5 -4.42 -3.65 -12.60
N GLN B 6 -4.11 -2.35 -12.56
CA GLN B 6 -5.10 -1.29 -12.47
C GLN B 6 -5.29 -0.49 -13.78
N SER B 7 -6.39 0.26 -13.88
CA SER B 7 -6.59 1.24 -14.97
C SER B 7 -5.52 2.35 -14.97
N GLY B 8 -5.24 2.92 -16.16
CA GLY B 8 -4.32 4.04 -16.33
C GLY B 8 -4.83 5.35 -15.70
N ALA B 9 -4.00 6.40 -15.71
CA ALA B 9 -4.31 7.68 -15.07
C ALA B 9 -5.68 8.25 -15.46
N GLU B 10 -6.44 8.71 -14.47
CA GLU B 10 -7.79 9.25 -14.63
C GLU B 10 -7.75 10.78 -14.42
N VAL B 11 -8.44 11.57 -15.23
CA VAL B 11 -8.48 13.03 -15.09
C VAL B 11 -9.93 13.51 -15.16
N LYS B 12 -10.35 14.33 -14.19
CA LYS B 12 -11.77 14.61 -13.90
C LYS B 12 -12.01 16.05 -13.48
N LYS B 13 -13.24 16.52 -13.73
CA LYS B 13 -13.76 17.81 -13.26
C LYS B 13 -14.30 17.68 -11.82
N PRO B 14 -14.40 18.77 -11.05
CA PRO B 14 -15.09 18.74 -9.77
C PRO B 14 -16.55 18.30 -9.92
N GLY B 15 -17.09 17.61 -8.92
CA GLY B 15 -18.49 17.13 -8.89
C GLY B 15 -18.77 15.88 -9.72
N ALA B 16 -17.83 15.43 -10.58
CA ALA B 16 -17.95 14.21 -11.36
C ALA B 16 -17.67 12.93 -10.52
N SER B 17 -17.47 11.80 -11.20
CA SER B 17 -17.15 10.50 -10.60
C SER B 17 -16.05 9.77 -11.38
N VAL B 18 -15.36 8.83 -10.72
CA VAL B 18 -14.24 8.06 -11.30
C VAL B 18 -14.36 6.57 -10.98
N LYS B 19 -14.05 5.72 -11.96
CA LYS B 19 -14.17 4.26 -11.88
C LYS B 19 -12.79 3.62 -12.03
N VAL B 20 -12.08 3.44 -10.93
CA VAL B 20 -10.81 2.69 -10.94
C VAL B 20 -11.12 1.21 -10.95
N SER B 21 -10.34 0.42 -11.68
CA SER B 21 -10.49 -1.04 -11.75
C SER B 21 -9.20 -1.72 -11.33
N CYS B 22 -9.32 -2.96 -10.90
CA CYS B 22 -8.24 -3.77 -10.35
C CYS B 22 -8.41 -5.24 -10.77
N LYS B 23 -7.76 -5.64 -11.85
CA LYS B 23 -7.75 -7.02 -12.38
C LYS B 23 -6.76 -7.85 -11.56
N ALA B 24 -7.23 -8.86 -10.85
CA ALA B 24 -6.38 -9.80 -10.13
C ALA B 24 -5.97 -11.01 -11.00
N SER B 25 -4.82 -11.60 -10.70
CA SER B 25 -4.34 -12.87 -11.27
C SER B 25 -3.29 -13.55 -10.38
N GLY B 26 -3.04 -14.83 -10.62
CA GLY B 26 -2.08 -15.66 -9.89
C GLY B 26 -2.57 -16.27 -8.58
N TYR B 27 -3.79 -15.94 -8.13
CA TYR B 27 -4.43 -16.53 -6.96
C TYR B 27 -5.95 -16.63 -7.14
N THR B 28 -6.62 -17.43 -6.32
CA THR B 28 -8.09 -17.54 -6.31
C THR B 28 -8.74 -16.23 -5.83
N PHE B 29 -9.38 -15.49 -6.74
CA PHE B 29 -9.86 -14.12 -6.49
C PHE B 29 -10.87 -14.00 -5.33
N THR B 30 -11.66 -15.04 -5.08
CA THR B 30 -12.64 -15.08 -3.97
C THR B 30 -12.02 -15.35 -2.59
N GLY B 31 -10.74 -15.72 -2.49
CA GLY B 31 -10.14 -16.22 -1.25
C GLY B 31 -9.98 -15.18 -0.13
N THR B 32 -9.79 -13.91 -0.47
CA THR B 32 -9.42 -12.83 0.48
C THR B 32 -9.99 -11.48 0.08
N TYR B 33 -10.20 -10.60 1.06
CA TYR B 33 -10.61 -9.21 0.85
C TYR B 33 -9.67 -8.46 -0.09
N ILE B 34 -10.21 -7.50 -0.83
CA ILE B 34 -9.46 -6.48 -1.55
C ILE B 34 -9.78 -5.14 -0.91
N HIS B 35 -8.75 -4.50 -0.39
CA HIS B 35 -8.80 -3.18 0.20
C HIS B 35 -8.52 -2.11 -0.83
N TRP B 36 -9.13 -0.95 -0.65
CA TRP B 36 -8.83 0.25 -1.41
C TRP B 36 -8.19 1.29 -0.49
N VAL B 37 -6.99 1.73 -0.85
CA VAL B 37 -6.16 2.66 -0.09
C VAL B 37 -5.75 3.79 -1.03
N ARG B 38 -5.72 5.04 -0.57
CA ARG B 38 -5.29 6.18 -1.39
C ARG B 38 -4.19 6.98 -0.73
N GLN B 39 -3.51 7.80 -1.52
CA GLN B 39 -2.36 8.60 -1.10
C GLN B 39 -2.31 9.94 -1.83
N ALA B 40 -2.65 11.04 -1.17
CA ALA B 40 -2.60 12.36 -1.78
C ALA B 40 -1.14 12.80 -2.08
N PRO B 41 -0.89 13.69 -3.06
CA PRO B 41 0.44 14.14 -3.43
C PRO B 41 1.30 14.62 -2.25
N GLY B 42 2.41 13.94 -2.00
CA GLY B 42 3.33 14.25 -0.91
C GLY B 42 2.79 14.03 0.52
N GLN B 43 1.79 13.16 0.70
CA GLN B 43 1.13 12.89 1.98
C GLN B 43 0.97 11.39 2.26
N GLY B 44 0.55 11.05 3.48
CA GLY B 44 0.42 9.68 3.95
C GLY B 44 -0.75 8.90 3.38
N LEU B 45 -0.75 7.59 3.61
CA LEU B 45 -1.78 6.66 3.16
C LEU B 45 -3.11 6.87 3.90
N GLU B 46 -4.21 6.48 3.28
CA GLU B 46 -5.57 6.62 3.80
C GLU B 46 -6.44 5.47 3.29
N TRP B 47 -6.88 4.59 4.19
CA TRP B 47 -7.73 3.46 3.85
C TRP B 47 -9.18 3.92 3.59
N MET B 48 -9.75 3.55 2.45
CA MET B 48 -11.10 3.93 2.04
C MET B 48 -12.16 2.89 2.37
N GLY B 49 -11.84 1.61 2.22
CA GLY B 49 -12.80 0.52 2.38
C GLY B 49 -12.28 -0.80 1.84
N TRP B 50 -13.06 -1.86 1.98
CA TRP B 50 -12.80 -3.17 1.36
C TRP B 50 -14.05 -3.75 0.73
N ILE B 51 -13.82 -4.69 -0.19
CA ILE B 51 -14.81 -5.63 -0.68
C ILE B 51 -14.33 -7.05 -0.41
N ASN B 52 -15.22 -7.91 0.05
CA ASN B 52 -15.00 -9.35 0.13
C ASN B 52 -15.46 -9.96 -1.21
N PRO B 53 -14.57 -10.34 -2.14
CA PRO B 53 -14.98 -10.72 -3.49
C PRO B 53 -15.86 -11.97 -3.58
N ASN B 54 -15.88 -12.81 -2.54
CA ASN B 54 -16.78 -13.97 -2.48
C ASN B 54 -18.24 -13.58 -2.22
N SER B 55 -18.49 -12.78 -1.19
CA SER B 55 -19.85 -12.42 -0.75
C SER B 55 -20.37 -11.12 -1.35
N GLY B 56 -19.51 -10.26 -1.89
CA GLY B 56 -19.84 -8.90 -2.32
C GLY B 56 -20.08 -7.92 -1.19
N GLY B 57 -19.90 -8.34 0.06
CA GLY B 57 -20.00 -7.47 1.23
C GLY B 57 -18.86 -6.45 1.29
N THR B 58 -19.15 -5.26 1.78
CA THR B 58 -18.21 -4.12 1.82
C THR B 58 -18.27 -3.38 3.14
N ASN B 59 -17.18 -2.71 3.50
CA ASN B 59 -17.11 -1.81 4.64
C ASN B 59 -16.24 -0.60 4.25
N PHE B 60 -16.56 0.60 4.74
CA PHE B 60 -15.90 1.85 4.34
C PHE B 60 -15.40 2.64 5.57
N ALA B 61 -14.33 3.41 5.41
CA ALA B 61 -14.00 4.45 6.38
C ALA B 61 -15.05 5.56 6.35
N GLN B 62 -15.34 6.15 7.50
CA GLN B 62 -16.52 7.02 7.67
C GLN B 62 -16.55 8.20 6.69
N ILE B 63 -15.39 8.80 6.40
CA ILE B 63 -15.22 9.91 5.46
C ILE B 63 -15.76 9.59 4.07
N PHE B 64 -15.66 8.32 3.64
CA PHE B 64 -16.08 7.86 2.31
C PHE B 64 -17.46 7.21 2.32
N GLN B 65 -18.05 6.92 3.47
CA GLN B 65 -19.33 6.21 3.55
C GLN B 65 -20.45 7.07 2.95
N GLY B 66 -21.05 6.63 1.85
CA GLY B 66 -21.98 7.40 1.03
C GLY B 66 -21.36 8.08 -0.20
N ARG B 67 -20.05 7.91 -0.36
CA ARG B 67 -19.31 8.45 -1.51
C ARG B 67 -18.75 7.31 -2.37
N VAL B 68 -17.94 6.46 -1.75
CA VAL B 68 -17.32 5.31 -2.41
C VAL B 68 -18.34 4.19 -2.60
N THR B 69 -18.28 3.49 -3.74
CA THR B 69 -18.98 2.23 -3.98
C THR B 69 -17.97 1.21 -4.50
N LEU B 70 -17.93 0.03 -3.89
CA LEU B 70 -17.03 -1.06 -4.28
C LEU B 70 -17.84 -2.21 -4.89
N THR B 71 -17.42 -2.73 -6.03
CA THR B 71 -18.08 -3.84 -6.75
C THR B 71 -17.05 -4.78 -7.35
N ARG B 72 -17.52 -5.90 -7.91
CA ARG B 72 -16.62 -6.89 -8.51
C ARG B 72 -17.28 -7.87 -9.49
N ASP B 73 -16.55 -8.17 -10.57
CA ASP B 73 -16.97 -9.15 -11.57
C ASP B 73 -16.08 -10.39 -11.47
N THR B 74 -16.58 -11.40 -10.74
CA THR B 74 -15.86 -12.64 -10.45
C THR B 74 -15.53 -13.44 -11.72
N SER B 75 -16.36 -13.32 -12.76
CA SER B 75 -16.15 -13.93 -14.08
C SER B 75 -14.90 -13.43 -14.81
N ILE B 76 -14.36 -12.25 -14.43
CA ILE B 76 -13.13 -11.66 -14.97
C ILE B 76 -12.14 -11.25 -13.87
N SER B 77 -12.30 -11.78 -12.66
CA SER B 77 -11.47 -11.51 -11.46
C SER B 77 -11.11 -10.03 -11.26
N THR B 78 -12.07 -9.14 -11.54
CA THR B 78 -11.84 -7.68 -11.47
C THR B 78 -12.64 -7.06 -10.35
N ALA B 79 -11.98 -6.39 -9.42
CA ALA B 79 -12.61 -5.52 -8.43
C ALA B 79 -12.62 -4.07 -8.92
N TYR B 80 -13.65 -3.32 -8.57
CA TYR B 80 -13.83 -1.92 -8.97
C TYR B 80 -14.04 -1.03 -7.75
N MET B 81 -13.52 0.20 -7.83
CA MET B 81 -13.84 1.28 -6.92
C MET B 81 -14.40 2.46 -7.71
N ASP B 82 -15.61 2.87 -7.36
CA ASP B 82 -16.30 4.01 -7.93
C ASP B 82 -16.37 5.11 -6.86
N LEU B 83 -15.83 6.30 -7.11
CA LEU B 83 -15.86 7.42 -6.17
C LEU B 83 -16.67 8.58 -6.76
N ASN B 84 -17.72 8.99 -6.06
CA ASN B 84 -18.69 9.99 -6.52
C ASN B 84 -18.46 11.38 -5.92
N ARG B 85 -18.92 12.41 -6.69
CA ARG B 85 -18.97 13.88 -6.42
C ARG B 85 -17.67 14.48 -5.94
N LEU B 86 -16.64 14.13 -6.72
CA LEU B 86 -15.22 14.39 -6.55
C LEU B 86 -14.90 15.86 -6.21
N LYS B 87 -14.07 16.08 -5.19
CA LYS B 87 -13.52 17.39 -4.80
C LYS B 87 -12.01 17.45 -5.07
N SER B 88 -11.44 18.65 -5.09
CA SER B 88 -10.04 18.86 -5.52
C SER B 88 -9.03 18.02 -4.73
N ASP B 89 -9.22 17.83 -3.42
CA ASP B 89 -8.34 17.02 -2.57
C ASP B 89 -8.63 15.51 -2.62
N ASP B 90 -9.52 15.05 -3.51
CA ASP B 90 -9.56 13.66 -3.97
C ASP B 90 -8.53 13.36 -5.07
N THR B 91 -7.77 14.37 -5.51
CA THR B 91 -6.55 14.18 -6.31
C THR B 91 -5.56 13.31 -5.53
N ALA B 92 -5.34 12.07 -5.93
CA ALA B 92 -4.53 11.11 -5.19
C ALA B 92 -4.14 9.90 -6.04
N VAL B 93 -3.15 9.13 -5.59
CA VAL B 93 -2.87 7.79 -6.12
C VAL B 93 -3.79 6.81 -5.42
N TYR B 94 -4.57 6.01 -6.16
CA TYR B 94 -5.50 5.03 -5.61
C TYR B 94 -4.97 3.62 -5.86
N TYR B 95 -4.76 2.83 -4.81
CA TYR B 95 -4.25 1.46 -4.87
C TYR B 95 -5.35 0.49 -4.46
N CYS B 96 -5.46 -0.64 -5.14
CA CYS B 96 -6.06 -1.84 -4.55
C CYS B 96 -4.97 -2.68 -3.90
N ALA B 97 -5.25 -3.30 -2.75
CA ALA B 97 -4.32 -4.20 -2.07
C ALA B 97 -5.03 -5.41 -1.46
N ARG B 98 -4.48 -6.61 -1.63
CA ARG B 98 -5.01 -7.88 -1.15
C ARG B 98 -4.73 -8.09 0.35
N ASP B 99 -5.62 -8.80 1.01
CA ASP B 99 -5.53 -9.16 2.43
C ASP B 99 -4.96 -10.59 2.67
N ARG B 100 -3.64 -10.61 2.92
CA ARG B 100 -2.81 -11.79 3.23
C ARG B 100 -3.46 -13.17 3.40
N VAL B 101 -3.20 -14.00 2.39
CA VAL B 101 -3.73 -15.38 2.26
C VAL B 101 -3.31 -16.35 3.37
N LEU B 102 -2.12 -16.22 3.95
CA LEU B 102 -1.54 -17.17 4.93
C LEU B 102 -0.98 -16.46 6.18
N TYR B 103 -0.80 -17.18 7.27
CA TYR B 103 -0.06 -16.83 8.48
C TYR B 103 -0.56 -15.63 9.32
N GLY B 104 -1.56 -14.87 8.89
CA GLY B 104 -2.06 -13.74 9.67
C GLY B 104 -2.95 -14.16 10.85
N ARG B 105 -3.64 -13.18 11.46
CA ARG B 105 -4.82 -13.38 12.29
C ARG B 105 -6.11 -13.27 11.48
N SER B 106 -7.16 -13.96 11.92
CA SER B 106 -8.42 -14.06 11.16
C SER B 106 -9.17 -12.73 11.01
N PHE B 107 -8.94 -11.81 11.93
CA PHE B 107 -9.23 -10.38 11.84
C PHE B 107 -7.87 -9.67 11.64
N GLY B 108 -7.72 -8.77 10.67
CA GLY B 108 -6.44 -8.04 10.61
C GLY B 108 -6.15 -7.14 9.42
N TRP B 109 -6.88 -7.33 8.34
CA TRP B 109 -6.80 -6.50 7.15
C TRP B 109 -5.49 -6.59 6.36
N TYR B 110 -4.34 -6.23 6.94
CA TYR B 110 -3.03 -6.21 6.26
C TYR B 110 -3.09 -5.50 4.89
N PHE B 111 -2.01 -5.51 4.11
CA PHE B 111 -2.04 -5.14 2.69
C PHE B 111 -0.82 -5.82 2.06
N ASP B 112 -0.87 -7.12 1.75
CA ASP B 112 0.36 -7.86 1.41
C ASP B 112 0.75 -7.75 -0.07
N VAL B 113 -0.20 -7.85 -0.99
CA VAL B 113 0.00 -7.61 -2.43
C VAL B 113 -0.69 -6.31 -2.83
N TRP B 114 0.04 -5.34 -3.39
CA TRP B 114 -0.49 -4.05 -3.82
C TRP B 114 -0.48 -3.93 -5.35
N GLY B 115 -1.52 -3.33 -5.91
CA GLY B 115 -1.54 -2.91 -7.31
C GLY B 115 -0.60 -1.74 -7.58
N ALA B 116 -0.33 -1.45 -8.85
CA ALA B 116 0.59 -0.41 -9.27
C ALA B 116 0.16 1.02 -8.89
N GLY B 117 -1.12 1.23 -8.54
CA GLY B 117 -1.68 2.54 -8.23
C GLY B 117 -2.13 3.31 -9.48
N THR B 118 -3.30 3.95 -9.39
CA THR B 118 -3.92 4.76 -10.44
C THR B 118 -3.97 6.20 -9.98
N THR B 119 -3.29 7.13 -10.65
CA THR B 119 -3.41 8.56 -10.31
C THR B 119 -4.74 9.10 -10.80
N VAL B 120 -5.54 9.69 -9.91
CA VAL B 120 -6.71 10.48 -10.28
C VAL B 120 -6.40 11.95 -10.07
N THR B 121 -6.66 12.79 -11.06
CA THR B 121 -6.51 14.25 -10.93
C THR B 121 -7.88 14.93 -11.02
N VAL B 122 -8.28 15.65 -9.97
CA VAL B 122 -9.59 16.31 -9.89
C VAL B 122 -9.38 17.82 -9.86
N SER B 123 -9.67 18.50 -10.96
CA SER B 123 -9.49 19.97 -11.04
C SER B 123 -10.25 20.59 -12.20
N SER B 124 -10.49 21.89 -12.12
CA SER B 124 -11.21 22.66 -13.15
C SER B 124 -10.45 22.79 -14.48
N ALA B 125 -9.12 22.83 -14.45
CA ALA B 125 -8.27 23.14 -15.60
C ALA B 125 -8.43 22.15 -16.78
N SER B 126 -8.55 22.70 -17.99
CA SER B 126 -8.52 21.93 -19.24
C SER B 126 -7.13 21.41 -19.58
N THR B 127 -7.03 20.38 -20.43
CA THR B 127 -5.74 19.91 -20.98
C THR B 127 -5.05 21.03 -21.77
N LYS B 128 -3.76 21.26 -21.52
CA LYS B 128 -2.94 22.28 -22.17
C LYS B 128 -1.49 21.81 -22.31
N GLY B 129 -0.86 22.07 -23.44
CA GLY B 129 0.54 21.74 -23.68
C GLY B 129 1.51 22.77 -23.09
N PRO B 130 2.73 22.36 -22.69
CA PRO B 130 3.70 23.24 -22.04
C PRO B 130 4.24 24.32 -22.98
N SER B 131 4.53 25.49 -22.41
CA SER B 131 5.37 26.51 -23.03
C SER B 131 6.76 26.41 -22.39
N VAL B 132 7.81 26.22 -23.19
CA VAL B 132 9.14 25.86 -22.70
C VAL B 132 10.13 26.99 -22.92
N PHE B 133 10.71 27.52 -21.86
CA PHE B 133 11.55 28.70 -21.90
C PHE B 133 12.99 28.37 -21.51
N PRO B 134 14.00 28.93 -22.18
CA PRO B 134 15.39 28.70 -21.83
C PRO B 134 15.79 29.48 -20.57
N LEU B 135 16.64 28.87 -19.75
CA LEU B 135 17.29 29.46 -18.59
C LEU B 135 18.81 29.47 -18.82
N ALA B 136 19.44 30.64 -18.73
CA ALA B 136 20.89 30.81 -18.82
C ALA B 136 21.39 31.87 -17.82
N PRO B 137 22.64 31.81 -17.32
CA PRO B 137 23.04 32.47 -16.06
C PRO B 137 22.81 33.98 -15.99
N CYS B 138 23.32 34.74 -16.97
CA CYS B 138 23.30 36.21 -16.95
C CYS B 138 23.76 36.73 -18.32
N SER B 139 25.02 36.45 -18.64
CA SER B 139 25.68 36.70 -19.94
C SER B 139 26.81 35.68 -20.16
N ARG B 140 27.32 35.54 -21.36
CA ARG B 140 28.40 34.57 -21.53
C ARG B 140 29.67 34.91 -20.74
N SER B 141 30.06 36.19 -20.73
CA SER B 141 31.28 36.65 -20.04
C SER B 141 31.18 36.63 -18.52
N THR B 142 29.97 36.63 -17.92
CA THR B 142 29.79 36.49 -16.47
C THR B 142 29.79 35.02 -15.97
N SER B 143 29.86 34.03 -16.87
CA SER B 143 30.06 32.62 -16.50
C SER B 143 31.48 32.34 -15.97
N GLU B 144 31.63 31.30 -15.13
CA GLU B 144 32.92 30.87 -14.54
C GLU B 144 32.91 29.36 -14.19
N SER B 145 34.07 28.70 -14.31
CA SER B 145 34.34 27.30 -13.94
C SER B 145 33.29 26.28 -14.43
N THR B 146 32.38 25.81 -13.55
CA THR B 146 31.21 25.01 -13.93
C THR B 146 29.98 25.91 -13.96
N ALA B 147 29.36 26.02 -15.13
CA ALA B 147 28.10 26.72 -15.34
C ALA B 147 26.91 25.80 -15.04
N ALA B 148 25.73 26.39 -14.80
CA ALA B 148 24.46 25.69 -14.85
C ALA B 148 23.49 26.44 -15.76
N LEU B 149 22.63 25.69 -16.44
CA LEU B 149 21.65 26.19 -17.41
C LEU B 149 20.46 25.24 -17.46
N GLY B 150 19.35 25.63 -18.06
CA GLY B 150 18.15 24.80 -18.00
C GLY B 150 17.04 25.23 -18.93
N CYS B 151 15.89 24.58 -18.78
CA CYS B 151 14.66 25.04 -19.37
C CYS B 151 13.51 24.90 -18.37
N LEU B 152 12.65 25.91 -18.34
CA LEU B 152 11.48 25.98 -17.48
C LEU B 152 10.27 25.63 -18.33
N VAL B 153 9.48 24.64 -17.93
CA VAL B 153 8.27 24.23 -18.64
C VAL B 153 7.07 24.74 -17.87
N LYS B 154 6.24 25.53 -18.53
CA LYS B 154 5.30 26.45 -17.88
C LYS B 154 3.88 26.18 -18.36
N ASP B 155 2.93 26.29 -17.44
CA ASP B 155 1.49 26.25 -17.67
C ASP B 155 1.03 25.04 -18.51
N TYR B 156 1.17 23.84 -18.00
CA TYR B 156 0.71 22.68 -18.73
C TYR B 156 -0.13 21.86 -17.78
N PHE B 157 -1.26 21.27 -18.14
CA PHE B 157 -2.06 20.56 -17.12
C PHE B 157 -2.07 19.06 -16.99
N PRO B 158 -2.11 18.33 -18.08
CA PRO B 158 -2.15 16.90 -17.88
C PRO B 158 -0.82 16.46 -17.37
N GLU B 159 -0.78 16.43 -16.04
CA GLU B 159 0.37 16.07 -15.20
C GLU B 159 1.75 15.76 -15.79
N PRO B 160 2.05 14.46 -15.92
CA PRO B 160 3.25 13.75 -16.39
C PRO B 160 4.07 14.25 -17.59
N VAL B 161 4.70 15.42 -17.52
CA VAL B 161 5.59 15.84 -18.60
C VAL B 161 6.96 15.22 -18.39
N THR B 162 7.59 14.74 -19.47
CA THR B 162 8.95 14.17 -19.42
C THR B 162 9.93 15.10 -20.10
N VAL B 163 11.06 15.42 -19.44
CA VAL B 163 12.15 16.25 -19.96
C VAL B 163 13.44 15.45 -20.07
N SER B 164 14.17 15.58 -21.17
CA SER B 164 15.46 14.89 -21.44
C SER B 164 16.41 15.79 -22.24
N TRP B 165 17.73 15.61 -22.11
CA TRP B 165 18.74 16.50 -22.70
C TRP B 165 19.52 15.86 -23.85
N ASN B 166 19.62 16.59 -24.96
CA ASN B 166 20.26 16.17 -26.21
C ASN B 166 19.75 14.78 -26.67
N SER B 167 18.42 14.60 -26.69
CA SER B 167 17.74 13.34 -27.00
C SER B 167 18.15 12.15 -26.10
N GLY B 168 18.60 12.44 -24.87
CA GLY B 168 19.09 11.46 -23.90
C GLY B 168 20.60 11.23 -23.95
N ALA B 169 21.34 11.91 -24.83
CA ALA B 169 22.81 11.80 -24.90
C ALA B 169 23.51 12.41 -23.68
N LEU B 170 22.87 13.37 -23.00
CA LEU B 170 23.41 14.01 -21.79
C LEU B 170 22.57 13.66 -20.55
N THR B 171 23.21 13.06 -19.55
CA THR B 171 22.58 12.67 -18.26
C THR B 171 23.45 12.96 -17.04
N SER B 172 24.77 13.15 -17.20
CA SER B 172 25.64 13.51 -16.07
C SER B 172 25.33 14.94 -15.60
N GLY B 173 24.97 15.09 -14.32
CA GLY B 173 24.61 16.37 -13.72
C GLY B 173 23.23 16.92 -14.09
N VAL B 174 22.32 16.12 -14.64
CA VAL B 174 20.93 16.54 -14.93
C VAL B 174 20.03 16.48 -13.69
N HIS B 175 19.12 17.44 -13.58
CA HIS B 175 17.97 17.43 -12.67
C HIS B 175 16.68 17.77 -13.41
N THR B 176 15.57 17.17 -12.97
CA THR B 176 14.22 17.60 -13.35
C THR B 176 13.38 17.61 -12.08
N PHE B 177 13.13 18.81 -11.54
CA PHE B 177 12.52 18.97 -10.23
C PHE B 177 11.04 18.59 -10.24
N PRO B 178 10.48 18.04 -9.15
CA PRO B 178 9.05 17.79 -9.04
C PRO B 178 8.22 19.02 -9.38
N ALA B 179 7.14 18.82 -10.14
CA ALA B 179 6.28 19.91 -10.58
C ALA B 179 5.55 20.58 -9.42
N VAL B 180 5.29 21.88 -9.57
CA VAL B 180 4.47 22.66 -8.65
C VAL B 180 3.13 22.99 -9.29
N LEU B 181 2.04 22.73 -8.57
CA LEU B 181 0.67 23.01 -9.00
C LEU B 181 0.37 24.48 -8.66
N GLN B 182 0.26 25.33 -9.69
CA GLN B 182 0.14 26.78 -9.51
C GLN B 182 -1.28 27.21 -9.11
N SER B 183 -1.45 28.47 -8.69
CA SER B 183 -2.78 29.02 -8.33
C SER B 183 -3.79 29.04 -9.48
N SER B 184 -3.34 28.98 -10.75
CA SER B 184 -4.21 28.82 -11.91
C SER B 184 -4.68 27.37 -12.15
N GLY B 185 -4.19 26.40 -11.38
CA GLY B 185 -4.48 24.96 -11.53
C GLY B 185 -3.59 24.24 -12.55
N LEU B 186 -2.85 24.98 -13.37
CA LEU B 186 -1.86 24.47 -14.32
C LEU B 186 -0.53 24.19 -13.61
N TYR B 187 0.19 23.14 -14.01
CA TYR B 187 1.49 22.78 -13.46
C TYR B 187 2.65 23.56 -14.09
N SER B 188 3.78 23.59 -13.40
CA SER B 188 5.07 23.99 -13.97
C SER B 188 6.22 23.20 -13.34
N LEU B 189 7.30 22.95 -14.09
CA LEU B 189 8.54 22.38 -13.55
C LEU B 189 9.78 22.97 -14.21
N SER B 190 10.89 22.95 -13.49
CA SER B 190 12.19 23.43 -13.94
C SER B 190 13.14 22.24 -14.11
N SER B 191 13.85 22.16 -15.24
CA SER B 191 14.87 21.15 -15.45
C SER B 191 16.20 21.80 -15.81
N VAL B 192 17.28 21.34 -15.20
CA VAL B 192 18.58 22.04 -15.19
C VAL B 192 19.75 21.07 -15.27
N VAL B 193 20.88 21.55 -15.76
CA VAL B 193 22.10 20.79 -16.04
C VAL B 193 23.32 21.63 -15.65
N THR B 194 24.39 20.98 -15.19
CA THR B 194 25.72 21.58 -14.98
C THR B 194 26.72 21.14 -16.05
N VAL B 195 27.51 22.07 -16.58
CA VAL B 195 28.55 21.81 -17.61
C VAL B 195 29.79 22.70 -17.40
N PRO B 196 31.00 22.29 -17.84
CA PRO B 196 32.16 23.16 -17.87
C PRO B 196 31.91 24.41 -18.74
N SER B 197 32.37 25.59 -18.31
CA SER B 197 32.28 26.81 -19.14
C SER B 197 32.99 26.66 -20.50
N SER B 198 34.00 25.78 -20.57
CA SER B 198 34.78 25.46 -21.77
C SER B 198 34.00 24.73 -22.88
N SER B 199 32.94 23.97 -22.56
CA SER B 199 32.25 23.12 -23.56
C SER B 199 31.20 23.87 -24.38
N LEU B 200 30.73 25.03 -23.91
CA LEU B 200 29.74 25.89 -24.59
C LEU B 200 30.17 26.33 -26.01
N GLY B 201 31.49 26.41 -26.28
CA GLY B 201 32.01 26.69 -27.62
C GLY B 201 32.10 25.46 -28.55
N THR B 202 32.07 24.25 -27.99
CA THR B 202 32.27 22.98 -28.74
C THR B 202 30.95 22.37 -29.24
N LYS B 203 29.86 22.57 -28.48
CA LYS B 203 28.56 21.89 -28.59
C LYS B 203 27.45 22.84 -28.11
N THR B 204 26.19 22.48 -28.35
CA THR B 204 25.03 23.21 -27.77
C THR B 204 24.08 22.23 -27.07
N TYR B 205 23.34 22.72 -26.07
CA TYR B 205 22.45 21.91 -25.25
C TYR B 205 20.99 22.16 -25.64
N THR B 206 20.26 21.08 -25.89
CA THR B 206 18.82 21.11 -26.20
C THR B 206 18.06 20.32 -25.15
N CYS B 207 17.12 20.95 -24.44
CA CYS B 207 16.14 20.18 -23.66
C CYS B 207 15.01 19.75 -24.60
N ASN B 208 14.65 18.47 -24.57
CA ASN B 208 13.53 17.91 -25.29
C ASN B 208 12.41 17.62 -24.28
N VAL B 209 11.23 18.15 -24.52
CA VAL B 209 10.06 18.06 -23.64
C VAL B 209 8.94 17.33 -24.36
N ASP B 210 8.49 16.20 -23.82
CA ASP B 210 7.34 15.45 -24.34
C ASP B 210 6.18 15.49 -23.35
N HIS B 211 5.03 16.01 -23.79
CA HIS B 211 3.77 16.04 -23.04
C HIS B 211 2.70 15.20 -23.74
N LYS B 212 2.59 13.92 -23.36
CA LYS B 212 1.69 12.96 -24.02
C LYS B 212 0.21 13.38 -24.05
N PRO B 213 -0.42 13.90 -22.97
CA PRO B 213 -1.83 14.30 -23.00
C PRO B 213 -2.18 15.31 -24.10
N SER B 214 -1.27 16.24 -24.41
CA SER B 214 -1.45 17.23 -25.48
C SER B 214 -0.79 16.82 -26.80
N ASN B 215 -0.25 15.60 -26.90
CA ASN B 215 0.62 15.13 -28.00
C ASN B 215 1.76 16.12 -28.33
N THR B 216 2.20 16.93 -27.35
CA THR B 216 3.06 18.08 -27.56
C THR B 216 4.51 17.71 -27.26
N LYS B 217 5.26 17.37 -28.31
CA LYS B 217 6.70 17.23 -28.26
C LYS B 217 7.34 18.54 -28.75
N VAL B 218 8.10 19.21 -27.90
CA VAL B 218 8.76 20.48 -28.18
C VAL B 218 10.21 20.45 -27.69
N ASP B 219 11.14 20.92 -28.52
CA ASP B 219 12.57 21.00 -28.20
C ASP B 219 13.01 22.46 -28.08
N LYS B 220 13.71 22.81 -27.00
CA LYS B 220 14.33 24.12 -26.82
C LYS B 220 15.84 23.99 -26.80
N ARG B 221 16.51 24.67 -27.75
CA ARG B 221 17.96 24.93 -27.73
C ARG B 221 18.26 26.04 -26.72
N VAL B 222 19.21 25.81 -25.82
CA VAL B 222 19.60 26.74 -24.75
C VAL B 222 20.96 27.34 -25.09
N GLU B 223 21.04 28.66 -25.18
CA GLU B 223 22.23 29.39 -25.62
C GLU B 223 22.54 30.54 -24.65
N SER B 224 23.82 30.77 -24.39
CA SER B 224 24.25 31.83 -23.49
C SER B 224 24.25 33.16 -24.24
N LYS B 225 23.56 34.15 -23.67
CA LYS B 225 23.50 35.48 -24.27
C LYS B 225 24.87 36.08 -24.59
N ASP C 1 -12.53 6.83 16.35
CA ASP C 1 -11.34 6.38 15.57
C ASP C 1 -10.19 6.02 16.52
N ILE C 2 -9.14 5.38 15.98
CA ILE C 2 -7.83 5.26 16.64
C ILE C 2 -6.83 6.13 15.88
N GLN C 3 -6.43 7.23 16.51
CA GLN C 3 -5.42 8.11 15.92
C GLN C 3 -4.03 7.56 16.27
N MET C 4 -3.11 7.59 15.31
CA MET C 4 -1.75 7.07 15.50
C MET C 4 -0.73 8.14 15.15
N THR C 5 0.34 8.21 15.93
CA THR C 5 1.42 9.19 15.73
C THR C 5 2.76 8.47 15.68
N GLN C 6 3.65 8.90 14.79
CA GLN C 6 5.02 8.40 14.71
C GLN C 6 5.98 9.49 15.19
N SER C 7 6.94 9.14 16.05
CA SER C 7 7.69 10.15 16.80
C SER C 7 8.66 10.97 15.94
N PRO C 8 9.59 10.37 15.18
CA PRO C 8 10.32 11.08 14.15
C PRO C 8 9.47 11.22 12.88
N SER C 9 9.13 12.45 12.48
CA SER C 9 8.50 12.73 11.18
C SER C 9 9.47 12.50 10.01
N SER C 10 10.76 12.73 10.26
CA SER C 10 11.87 12.22 9.46
C SER C 10 13.08 11.93 10.34
N LEU C 11 13.97 11.06 9.89
CA LEU C 11 15.16 10.62 10.62
C LEU C 11 16.32 10.40 9.66
N SER C 12 17.29 11.32 9.65
CA SER C 12 18.56 11.14 8.96
C SER C 12 19.43 10.11 9.67
N ALA C 13 19.93 9.10 8.94
CA ALA C 13 20.74 8.01 9.51
C ALA C 13 21.87 7.60 8.54
N SER C 14 23.06 7.31 9.04
CA SER C 14 24.20 6.93 8.19
C SER C 14 24.10 5.48 7.73
N VAL C 15 24.75 5.09 6.63
CA VAL C 15 24.89 3.65 6.32
C VAL C 15 25.64 2.96 7.45
N GLY C 16 25.08 1.85 7.95
CA GLY C 16 25.55 1.12 9.12
C GLY C 16 25.02 1.63 10.48
N ASP C 17 24.33 2.77 10.56
CA ASP C 17 23.71 3.22 11.82
C ASP C 17 22.49 2.36 12.17
N ARG C 18 22.18 2.25 13.47
CA ARG C 18 20.93 1.65 13.94
C ARG C 18 19.82 2.69 13.96
N VAL C 19 18.68 2.38 13.34
CA VAL C 19 17.50 3.25 13.26
C VAL C 19 16.41 2.70 14.17
N THR C 20 15.79 3.54 15.00
CA THR C 20 14.60 3.20 15.77
C THR C 20 13.50 4.22 15.52
N ILE C 21 12.30 3.79 15.14
CA ILE C 21 11.15 4.66 14.91
C ILE C 21 9.97 4.16 15.75
N THR C 22 9.32 5.03 16.51
CA THR C 22 8.28 4.64 17.46
C THR C 22 6.91 5.12 17.02
N CYS C 23 5.91 4.24 17.07
CA CYS C 23 4.52 4.53 16.74
C CYS C 23 3.66 4.38 17.99
N GLN C 24 2.85 5.38 18.34
CA GLN C 24 1.93 5.36 19.48
C GLN C 24 0.48 5.46 19.03
N ALA C 25 -0.37 4.53 19.48
CA ALA C 25 -1.82 4.55 19.28
C ALA C 25 -2.54 5.34 20.37
N SER C 26 -3.63 6.04 20.06
CA SER C 26 -4.40 6.76 21.09
C SER C 26 -5.11 5.83 22.07
N GLN C 27 -5.63 4.70 21.60
CA GLN C 27 -6.20 3.60 22.38
C GLN C 27 -5.19 2.48 22.63
N ASP C 28 -5.49 1.55 23.53
CA ASP C 28 -4.73 0.31 23.67
C ASP C 28 -5.07 -0.67 22.53
N ILE C 29 -4.06 -1.01 21.73
CA ILE C 29 -4.17 -1.81 20.48
C ILE C 29 -3.59 -3.23 20.65
N SER C 30 -3.19 -3.62 21.86
CA SER C 30 -2.60 -4.94 22.15
C SER C 30 -1.38 -5.22 21.28
N ASP C 31 -1.47 -6.01 20.22
CA ASP C 31 -0.37 -6.19 19.25
C ASP C 31 -0.89 -6.13 17.81
N TYR C 32 -2.04 -5.48 17.61
CA TYR C 32 -2.75 -5.38 16.34
C TYR C 32 -2.19 -4.23 15.50
N LEU C 33 -0.93 -4.34 15.09
CA LEU C 33 -0.18 -3.34 14.32
C LEU C 33 0.62 -3.97 13.18
N ASN C 34 0.69 -3.33 12.02
CA ASN C 34 1.57 -3.71 10.90
C ASN C 34 2.49 -2.55 10.51
N TRP C 35 3.63 -2.81 9.89
CA TRP C 35 4.58 -1.80 9.42
C TRP C 35 4.89 -1.96 7.94
N TYR C 36 4.80 -0.85 7.20
CA TYR C 36 5.08 -0.85 5.77
C TYR C 36 6.09 0.21 5.33
N GLN C 37 6.93 -0.18 4.38
CA GLN C 37 7.96 0.67 3.79
C GLN C 37 7.49 1.14 2.43
N GLN C 38 7.66 2.41 2.10
CA GLN C 38 7.41 2.93 0.76
C GLN C 38 8.67 3.61 0.23
N GLN C 39 9.39 2.93 -0.67
CA GLN C 39 10.53 3.51 -1.37
C GLN C 39 10.02 4.56 -2.38
N PRO C 40 10.77 5.64 -2.67
CA PRO C 40 10.28 6.72 -3.53
C PRO C 40 9.78 6.23 -4.90
N GLY C 41 8.52 6.53 -5.23
CA GLY C 41 7.93 6.19 -6.52
C GLY C 41 7.41 4.76 -6.69
N LYS C 42 7.09 4.05 -5.60
CA LYS C 42 6.51 2.69 -5.59
C LYS C 42 5.32 2.58 -4.63
N ALA C 43 4.48 1.55 -4.81
CA ALA C 43 3.48 1.17 -3.83
C ALA C 43 4.15 0.69 -2.52
N PRO C 44 3.53 0.86 -1.34
CA PRO C 44 4.05 0.36 -0.08
C PRO C 44 4.31 -1.15 -0.10
N LYS C 45 5.16 -1.62 0.81
CA LYS C 45 5.51 -3.03 1.01
C LYS C 45 5.35 -3.37 2.48
N LEU C 46 4.64 -4.46 2.81
CA LEU C 46 4.51 -4.94 4.18
C LEU C 46 5.84 -5.55 4.66
N LEU C 47 6.34 -5.13 5.82
CA LEU C 47 7.62 -5.61 6.37
C LEU C 47 7.46 -6.41 7.66
N ILE C 48 6.76 -5.85 8.64
CA ILE C 48 6.39 -6.53 9.89
C ILE C 48 4.88 -6.54 9.95
N TYR C 49 4.31 -7.61 10.47
CA TYR C 49 2.89 -7.73 10.76
C TYR C 49 2.71 -8.24 12.19
N ASP C 50 1.53 -8.05 12.78
CA ASP C 50 1.26 -8.45 14.18
C ASP C 50 2.31 -7.91 15.18
N ALA C 51 2.73 -6.66 14.99
CA ALA C 51 3.73 -5.88 15.72
C ALA C 51 5.18 -6.40 15.72
N SER C 52 5.43 -7.69 15.51
CA SER C 52 6.80 -8.25 15.54
C SER C 52 7.04 -9.47 14.63
N ASN C 53 6.06 -10.00 13.92
CA ASN C 53 6.28 -11.08 12.96
C ASN C 53 6.87 -10.53 11.65
N LEU C 54 8.12 -10.85 11.38
CA LEU C 54 8.83 -10.44 10.16
C LEU C 54 8.29 -11.17 8.93
N GLU C 55 7.94 -10.46 7.88
CA GLU C 55 7.32 -11.06 6.69
C GLU C 55 8.30 -11.90 5.84
N THR C 56 7.78 -12.75 4.96
CA THR C 56 8.55 -13.66 4.11
C THR C 56 9.48 -12.93 3.15
N GLY C 57 10.77 -13.27 3.18
CA GLY C 57 11.76 -12.78 2.23
C GLY C 57 12.32 -11.38 2.49
N VAL C 58 11.81 -10.63 3.48
CA VAL C 58 12.38 -9.33 3.84
C VAL C 58 13.69 -9.50 4.64
N PRO C 59 14.67 -8.59 4.52
CA PRO C 59 15.94 -8.66 5.23
C PRO C 59 15.82 -8.84 6.75
N SER C 60 16.72 -9.64 7.33
CA SER C 60 16.77 -9.94 8.77
C SER C 60 17.06 -8.73 9.67
N ARG C 61 17.54 -7.64 9.08
CA ARG C 61 17.85 -6.44 9.85
C ARG C 61 16.61 -5.76 10.43
N PHE C 62 15.48 -5.87 9.75
CA PHE C 62 14.22 -5.27 10.19
C PHE C 62 13.65 -5.98 11.41
N SER C 63 13.26 -5.21 12.42
CA SER C 63 12.64 -5.69 13.65
C SER C 63 11.44 -4.83 14.01
N GLY C 64 10.49 -5.40 14.75
CA GLY C 64 9.37 -4.69 15.35
C GLY C 64 9.16 -5.21 16.77
N SER C 65 8.77 -4.35 17.70
CA SER C 65 8.62 -4.70 19.12
C SER C 65 7.62 -3.80 19.84
N GLY C 66 7.29 -4.16 21.07
CA GLY C 66 6.32 -3.44 21.90
C GLY C 66 4.88 -3.87 21.66
N SER C 67 4.03 -3.51 22.61
CA SER C 67 2.62 -3.89 22.69
C SER C 67 1.89 -2.90 23.58
N GLY C 68 0.58 -2.78 23.42
CA GLY C 68 -0.25 -1.83 24.14
C GLY C 68 -0.48 -0.55 23.33
N THR C 69 -0.18 0.60 23.93
CA THR C 69 -0.24 1.90 23.25
C THR C 69 1.02 2.21 22.45
N ASP C 70 2.21 1.77 22.87
CA ASP C 70 3.50 2.18 22.31
C ASP C 70 4.28 1.03 21.66
N PHE C 71 4.71 1.23 20.42
CA PHE C 71 5.35 0.24 19.55
C PHE C 71 6.64 0.81 18.93
N THR C 72 7.55 -0.05 18.52
CA THR C 72 8.81 0.34 17.85
C THR C 72 9.03 -0.49 16.60
N PHE C 73 9.61 0.12 15.57
CA PHE C 73 10.24 -0.55 14.44
C PHE C 73 11.72 -0.17 14.42
N THR C 74 12.59 -1.09 14.03
CA THR C 74 14.04 -0.93 14.12
C THR C 74 14.74 -1.49 12.89
N ILE C 75 15.80 -0.81 12.44
CA ILE C 75 16.74 -1.37 11.46
C ILE C 75 18.08 -1.52 12.16
N SER C 76 18.57 -2.76 12.31
CA SER C 76 19.72 -3.05 13.18
C SER C 76 21.02 -2.44 12.69
N SER C 77 21.20 -2.37 11.36
CA SER C 77 22.22 -1.55 10.69
C SER C 77 21.70 -1.16 9.30
N LEU C 78 21.51 0.13 9.07
CA LEU C 78 20.88 0.67 7.87
C LEU C 78 21.71 0.40 6.61
N GLN C 79 21.03 0.08 5.51
CA GLN C 79 21.61 -0.17 4.19
C GLN C 79 20.96 0.79 3.17
N PRO C 80 21.65 1.27 2.13
CA PRO C 80 21.11 2.34 1.28
C PRO C 80 19.88 1.99 0.43
N GLU C 81 19.37 0.75 0.45
CA GLU C 81 18.07 0.38 -0.09
C GLU C 81 16.90 0.59 0.88
N ASP C 82 17.15 0.79 2.17
CA ASP C 82 16.15 1.01 3.23
C ASP C 82 15.49 2.39 3.20
N ILE C 83 15.98 3.30 2.37
CA ILE C 83 15.53 4.68 2.31
C ILE C 83 14.13 4.78 1.71
N GLY C 84 13.20 5.31 2.49
CA GLY C 84 11.81 5.50 2.12
C GLY C 84 11.01 6.06 3.29
N THR C 85 9.69 6.03 3.18
CA THR C 85 8.78 6.38 4.27
C THR C 85 8.28 5.11 4.93
N TYR C 86 8.32 5.03 6.25
CA TYR C 86 7.80 3.90 7.02
C TYR C 86 6.49 4.25 7.70
N TYR C 87 5.43 3.49 7.50
CA TYR C 87 4.09 3.73 8.07
C TYR C 87 3.69 2.61 9.01
N CYS C 88 3.23 2.92 10.22
CA CYS C 88 2.52 1.92 11.05
C CYS C 88 1.03 1.89 10.72
N GLN C 89 0.33 0.80 11.03
CA GLN C 89 -1.10 0.64 10.76
C GLN C 89 -1.78 -0.25 11.81
N GLN C 90 -2.77 0.26 12.55
CA GLN C 90 -3.55 -0.56 13.46
C GLN C 90 -4.59 -1.42 12.72
N TYR C 91 -5.00 -2.53 13.31
CA TYR C 91 -6.11 -3.34 12.80
C TYR C 91 -7.17 -3.70 13.85
N ASP C 92 -7.19 -3.02 15.00
CA ASP C 92 -8.18 -3.27 16.03
C ASP C 92 -9.58 -2.84 15.61
N ASN C 93 -9.71 -1.72 14.88
CA ASN C 93 -10.99 -1.17 14.46
C ASN C 93 -10.80 -0.25 13.23
N LEU C 94 -11.09 -0.77 12.02
CA LEU C 94 -10.93 -0.13 10.69
C LEU C 94 -9.50 0.36 10.41
N PRO C 95 -8.76 -0.17 9.43
CA PRO C 95 -7.29 -0.09 9.43
C PRO C 95 -6.71 1.31 9.14
N THR C 96 -6.54 2.12 10.19
CA THR C 96 -5.92 3.46 10.16
C THR C 96 -4.39 3.40 10.08
N PHE C 97 -3.76 4.18 9.21
CA PHE C 97 -2.31 4.37 9.16
C PHE C 97 -1.80 5.51 10.07
N GLY C 98 -0.52 5.46 10.44
CA GLY C 98 0.22 6.58 11.04
C GLY C 98 0.71 7.60 10.00
N GLY C 99 1.30 8.71 10.46
CA GLY C 99 1.73 9.80 9.59
C GLY C 99 2.94 9.51 8.69
N GLY C 100 3.66 8.42 8.94
CA GLY C 100 4.85 8.07 8.18
C GLY C 100 6.13 8.73 8.71
N THR C 101 7.24 7.99 8.74
CA THR C 101 8.57 8.48 9.06
C THR C 101 9.44 8.37 7.83
N LYS C 102 9.92 9.48 7.27
CA LYS C 102 10.92 9.43 6.21
C LYS C 102 12.30 9.12 6.76
N LEU C 103 12.97 8.07 6.28
CA LEU C 103 14.42 7.98 6.45
C LEU C 103 15.14 8.75 5.34
N GLU C 104 16.34 9.21 5.61
CA GLU C 104 17.27 9.73 4.61
C GLU C 104 18.71 9.38 5.03
N ILE C 105 19.64 9.30 4.08
CA ILE C 105 21.05 9.03 4.42
C ILE C 105 21.66 10.27 5.06
N LYS C 106 22.30 10.13 6.22
CA LYS C 106 23.11 11.17 6.84
C LYS C 106 24.40 11.39 6.03
N ARG C 107 24.79 12.64 5.87
CA ARG C 107 26.01 12.98 5.17
C ARG C 107 26.70 14.11 5.91
N THR C 108 27.89 14.49 5.43
CA THR C 108 28.62 15.59 6.05
C THR C 108 28.04 16.89 5.49
N VAL C 109 28.30 18.02 6.14
CA VAL C 109 27.72 19.27 5.61
C VAL C 109 28.28 19.63 4.23
N ALA C 110 27.48 20.30 3.39
CA ALA C 110 27.92 20.81 2.09
C ALA C 110 27.16 22.07 1.68
N ALA C 111 27.86 23.06 1.12
CA ALA C 111 27.28 24.31 0.66
C ALA C 111 26.51 24.17 -0.66
N PRO C 112 25.43 24.92 -0.89
CA PRO C 112 24.77 25.00 -2.19
C PRO C 112 25.61 25.78 -3.20
N SER C 113 25.77 25.24 -4.41
CA SER C 113 26.13 26.06 -5.57
C SER C 113 24.91 26.87 -5.99
N VAL C 114 25.00 28.21 -5.99
CA VAL C 114 23.86 29.10 -6.23
C VAL C 114 23.94 29.72 -7.62
N PHE C 115 22.87 29.59 -8.39
CA PHE C 115 22.66 30.20 -9.70
C PHE C 115 21.34 30.98 -9.72
N ILE C 116 21.24 32.03 -10.55
CA ILE C 116 20.00 32.78 -10.77
C ILE C 116 19.75 32.90 -12.27
N PHE C 117 18.49 32.85 -12.72
CA PHE C 117 18.13 32.79 -14.14
C PHE C 117 17.08 33.85 -14.52
N PRO C 118 17.45 34.91 -15.26
CA PRO C 118 16.53 35.93 -15.75
C PRO C 118 15.42 35.39 -16.68
N PRO C 119 14.29 36.09 -16.82
CA PRO C 119 13.24 35.72 -17.77
C PRO C 119 13.72 35.92 -19.23
N SER C 120 13.50 34.91 -20.07
CA SER C 120 13.88 34.95 -21.50
C SER C 120 13.03 35.92 -22.32
N ASP C 121 13.53 36.36 -23.48
CA ASP C 121 12.80 37.27 -24.39
C ASP C 121 11.47 36.64 -24.85
N GLU C 122 11.45 35.33 -25.14
CA GLU C 122 10.24 34.57 -25.45
C GLU C 122 9.23 34.56 -24.29
N GLN C 123 9.71 34.49 -23.05
CA GLN C 123 8.82 34.54 -21.89
C GLN C 123 8.24 35.94 -21.68
N LEU C 124 9.06 36.99 -21.73
CA LEU C 124 8.58 38.37 -21.63
C LEU C 124 7.59 38.73 -22.77
N LYS C 125 7.80 38.17 -23.97
CA LYS C 125 6.86 38.31 -25.09
C LYS C 125 5.46 37.72 -24.82
N SER C 126 5.33 36.75 -23.90
CA SER C 126 4.02 36.21 -23.49
C SER C 126 3.20 37.16 -22.60
N GLY C 127 3.82 38.22 -22.06
CA GLY C 127 3.17 39.15 -21.13
C GLY C 127 3.27 38.76 -19.64
N THR C 128 4.12 37.80 -19.29
CA THR C 128 4.40 37.36 -17.91
C THR C 128 5.90 37.18 -17.70
N ALA C 129 6.40 37.37 -16.47
CA ALA C 129 7.82 37.21 -16.14
C ALA C 129 8.01 36.30 -14.93
N SER C 130 9.01 35.42 -14.98
CA SER C 130 9.43 34.61 -13.85
C SER C 130 10.94 34.43 -13.82
N VAL C 131 11.49 34.43 -12.62
CA VAL C 131 12.93 34.42 -12.35
C VAL C 131 13.22 33.32 -11.33
N VAL C 132 14.26 32.52 -11.60
CA VAL C 132 14.51 31.26 -10.89
C VAL C 132 15.83 31.34 -10.12
N CYS C 133 15.82 30.97 -8.85
CA CYS C 133 17.00 30.88 -7.99
C CYS C 133 17.26 29.39 -7.70
N LEU C 134 18.39 28.86 -8.16
CA LEU C 134 18.74 27.44 -8.15
C LEU C 134 19.84 27.16 -7.13
N LEU C 135 19.60 26.22 -6.21
CA LEU C 135 20.57 25.72 -5.25
C LEU C 135 20.88 24.26 -5.61
N ASN C 136 22.12 23.96 -5.94
CA ASN C 136 22.54 22.64 -6.41
C ASN C 136 23.56 22.00 -5.45
N ASN C 137 23.47 20.68 -5.28
CA ASN C 137 24.33 19.83 -4.46
C ASN C 137 24.65 20.37 -3.06
N PHE C 138 23.68 20.29 -2.13
CA PHE C 138 23.86 20.56 -0.70
C PHE C 138 23.22 19.46 0.15
N TYR C 139 23.59 19.34 1.42
CA TYR C 139 23.02 18.27 2.20
C TYR C 139 22.02 18.56 3.30
N PRO C 140 22.30 19.50 4.18
CA PRO C 140 21.31 19.71 5.22
C PRO C 140 20.16 20.32 4.47
N ARG C 141 19.08 19.59 4.26
CA ARG C 141 17.90 20.06 3.52
C ARG C 141 17.48 21.52 3.74
N GLU C 142 17.10 21.85 4.98
CA GLU C 142 16.64 23.18 5.37
C GLU C 142 17.56 24.29 4.82
N ALA C 143 17.43 24.61 3.55
CA ALA C 143 17.94 25.86 2.96
C ALA C 143 16.78 26.86 2.80
N LYS C 144 16.93 28.08 3.31
CA LYS C 144 15.92 29.14 3.20
C LYS C 144 16.37 30.20 2.19
N VAL C 145 15.46 30.51 1.27
CA VAL C 145 15.63 31.48 0.18
C VAL C 145 14.83 32.75 0.44
N GLN C 146 15.49 33.89 0.36
CA GLN C 146 14.88 35.21 0.42
C GLN C 146 14.92 35.83 -0.98
N TRP C 147 13.80 36.35 -1.47
CA TRP C 147 13.71 37.06 -2.74
C TRP C 147 13.59 38.57 -2.49
N LYS C 148 14.40 39.37 -3.18
CA LYS C 148 14.35 40.84 -3.08
C LYS C 148 14.32 41.51 -4.46
N VAL C 149 13.59 42.62 -4.53
CA VAL C 149 13.70 43.60 -5.61
C VAL C 149 13.88 44.99 -5.00
N ASP C 150 14.84 45.77 -5.50
CA ASP C 150 15.22 47.07 -4.92
C ASP C 150 15.41 47.02 -3.37
N ASN C 151 16.09 45.97 -2.87
CA ASN C 151 16.28 45.65 -1.44
C ASN C 151 15.00 45.38 -0.61
N ALA C 152 13.82 45.28 -1.22
CA ALA C 152 12.55 44.95 -0.54
C ALA C 152 12.23 43.45 -0.61
N LEU C 153 12.04 42.82 0.56
CA LEU C 153 11.69 41.41 0.70
C LEU C 153 10.29 41.09 0.15
N GLN C 154 10.23 40.16 -0.80
CA GLN C 154 9.00 39.64 -1.41
C GLN C 154 8.43 38.43 -0.65
N SER C 155 7.13 38.19 -0.77
CA SER C 155 6.42 37.08 -0.11
C SER C 155 5.21 36.60 -0.93
N GLY C 156 4.88 35.30 -0.82
CA GLY C 156 3.71 34.65 -1.44
C GLY C 156 3.75 34.49 -2.97
N ASN C 157 4.39 35.41 -3.68
CA ASN C 157 4.58 35.42 -5.14
C ASN C 157 5.72 34.50 -5.64
N SER C 158 6.34 33.73 -4.74
CA SER C 158 7.36 32.73 -5.06
C SER C 158 7.10 31.40 -4.37
N GLN C 159 7.58 30.31 -4.98
CA GLN C 159 7.37 28.93 -4.56
C GLN C 159 8.61 28.09 -4.87
N GLU C 160 8.87 27.02 -4.12
CA GLU C 160 10.10 26.24 -4.24
C GLU C 160 9.84 24.73 -4.38
N SER C 161 10.57 24.08 -5.28
CA SER C 161 10.51 22.66 -5.57
C SER C 161 11.83 21.99 -5.20
N VAL C 162 11.81 21.01 -4.29
CA VAL C 162 12.99 20.29 -3.78
C VAL C 162 13.04 18.88 -4.34
N THR C 163 14.19 18.44 -4.83
CA THR C 163 14.42 17.06 -5.29
C THR C 163 14.30 16.03 -4.15
N GLU C 164 14.03 14.77 -4.49
CA GLU C 164 14.37 13.66 -3.59
C GLU C 164 15.90 13.55 -3.46
N GLN C 165 16.38 12.93 -2.38
CA GLN C 165 17.82 12.81 -2.10
C GLN C 165 18.54 12.02 -3.20
N ASP C 166 19.60 12.58 -3.77
CA ASP C 166 20.36 11.98 -4.89
C ASP C 166 21.00 10.65 -4.45
N SER C 167 20.65 9.54 -5.10
CA SER C 167 21.17 8.22 -4.74
C SER C 167 22.70 8.09 -4.86
N LYS C 168 23.33 8.84 -5.77
CA LYS C 168 24.76 8.73 -6.04
C LYS C 168 25.66 9.32 -4.95
N ASP C 169 25.22 10.36 -4.25
CA ASP C 169 26.03 11.08 -3.23
C ASP C 169 25.20 11.70 -2.10
N SER C 170 23.97 11.21 -1.89
CA SER C 170 23.11 11.48 -0.74
C SER C 170 22.79 12.97 -0.52
N THR C 171 22.66 13.75 -1.61
CA THR C 171 22.55 15.22 -1.55
C THR C 171 21.28 15.76 -2.20
N TYR C 172 20.79 16.90 -1.72
CA TYR C 172 19.62 17.60 -2.25
C TYR C 172 19.98 18.69 -3.25
N SER C 173 18.97 19.14 -3.98
CA SER C 173 18.96 20.37 -4.79
C SER C 173 17.54 20.91 -4.88
N LEU C 174 17.38 22.23 -5.00
CA LEU C 174 16.08 22.90 -5.15
C LEU C 174 16.17 24.11 -6.04
N SER C 175 15.04 24.59 -6.54
CA SER C 175 14.92 25.97 -6.99
C SER C 175 13.66 26.63 -6.49
N SER C 176 13.77 27.93 -6.28
CA SER C 176 12.66 28.83 -6.03
C SER C 176 12.35 29.60 -7.29
N THR C 177 11.07 29.71 -7.65
CA THR C 177 10.61 30.52 -8.77
C THR C 177 9.81 31.69 -8.21
N LEU C 178 10.20 32.92 -8.55
CA LEU C 178 9.43 34.15 -8.31
C LEU C 178 8.70 34.55 -9.59
N THR C 179 7.42 34.93 -9.51
CA THR C 179 6.61 35.30 -10.70
C THR C 179 5.94 36.67 -10.54
N LEU C 180 5.92 37.43 -11.64
CA LEU C 180 5.51 38.83 -11.74
C LEU C 180 4.79 39.06 -13.10
N SER C 181 3.92 40.07 -13.23
CA SER C 181 3.47 40.45 -14.58
C SER C 181 4.60 41.10 -15.38
N LYS C 182 4.47 41.17 -16.70
CA LYS C 182 5.40 41.92 -17.56
C LYS C 182 5.54 43.40 -17.14
N ALA C 183 4.49 44.01 -16.59
CA ALA C 183 4.53 45.36 -16.05
C ALA C 183 5.25 45.46 -14.70
N ASP C 184 4.99 44.50 -13.80
CA ASP C 184 5.68 44.39 -12.49
C ASP C 184 7.17 44.07 -12.62
N TYR C 185 7.57 43.32 -13.66
CA TYR C 185 8.97 42.97 -13.87
C TYR C 185 9.84 44.18 -14.24
N GLU C 186 9.36 45.04 -15.13
CA GLU C 186 10.18 46.10 -15.72
C GLU C 186 10.42 47.29 -14.77
N LYS C 187 9.52 47.53 -13.82
CA LYS C 187 9.56 48.72 -12.94
C LYS C 187 10.61 48.66 -11.81
N HIS C 188 11.21 47.50 -11.54
CA HIS C 188 12.35 47.34 -10.62
C HIS C 188 13.65 47.12 -11.40
N LYS C 189 14.72 47.83 -11.04
CA LYS C 189 16.07 47.62 -11.64
C LYS C 189 16.77 46.38 -11.07
N VAL C 190 16.99 46.35 -9.76
CA VAL C 190 17.73 45.28 -9.05
C VAL C 190 16.83 44.08 -8.76
N TYR C 191 17.32 42.90 -9.14
CA TYR C 191 16.68 41.61 -8.87
C TYR C 191 17.70 40.72 -8.13
N ALA C 192 17.31 40.18 -6.97
CA ALA C 192 18.20 39.36 -6.15
C ALA C 192 17.48 38.18 -5.47
N CYS C 193 18.21 37.08 -5.29
CA CYS C 193 17.91 36.06 -4.28
C CYS C 193 19.09 35.86 -3.32
N GLU C 194 18.78 35.58 -2.07
CA GLU C 194 19.76 35.34 -1.01
C GLU C 194 19.46 34.00 -0.33
N VAL C 195 20.49 33.17 -0.13
CA VAL C 195 20.33 31.85 0.49
C VAL C 195 21.00 31.87 1.86
N THR C 196 20.27 31.44 2.88
CA THR C 196 20.79 31.21 4.23
C THR C 196 20.73 29.72 4.55
N HIS C 197 21.87 29.13 4.89
CA HIS C 197 22.03 27.69 5.00
C HIS C 197 23.11 27.28 6.01
N GLN C 198 22.92 26.12 6.64
CA GLN C 198 23.86 25.54 7.61
C GLN C 198 25.25 25.23 7.01
N GLY C 199 25.31 24.93 5.71
CA GLY C 199 26.55 24.67 4.98
C GLY C 199 27.32 25.93 4.54
N LEU C 200 26.88 27.14 4.91
CA LEU C 200 27.57 28.40 4.62
C LEU C 200 28.05 29.10 5.89
N SER C 201 29.23 29.73 5.82
CA SER C 201 29.76 30.59 6.90
C SER C 201 28.93 31.86 7.10
N SER C 202 28.35 32.39 6.03
CA SER C 202 27.41 33.52 6.01
C SER C 202 26.48 33.41 4.79
N PRO C 203 25.27 34.02 4.81
CA PRO C 203 24.38 34.06 3.65
C PRO C 203 25.06 34.60 2.38
N VAL C 204 24.65 34.11 1.21
CA VAL C 204 25.18 34.59 -0.09
C VAL C 204 24.07 35.10 -1.00
N THR C 205 24.35 36.22 -1.66
CA THR C 205 23.42 36.97 -2.52
C THR C 205 23.82 36.79 -3.99
N LYS C 206 22.88 36.35 -4.83
CA LYS C 206 23.01 36.40 -6.30
C LYS C 206 21.99 37.37 -6.87
N SER C 207 22.41 38.20 -7.80
CA SER C 207 21.63 39.33 -8.28
C SER C 207 22.02 39.75 -9.70
N PHE C 208 21.13 40.50 -10.35
CA PHE C 208 21.33 41.07 -11.68
C PHE C 208 20.43 42.30 -11.88
N ASN C 209 20.70 43.06 -12.94
CA ASN C 209 19.85 44.14 -13.43
C ASN C 209 19.38 43.81 -14.85
N ARG C 210 18.24 44.38 -15.25
CA ARG C 210 17.69 44.21 -16.60
C ARG C 210 18.73 44.62 -17.66
N GLY C 211 18.75 43.90 -18.78
CA GLY C 211 19.78 44.13 -19.79
C GLY C 211 20.85 43.04 -19.74
N GLU C 212 21.98 43.32 -19.08
CA GLU C 212 23.15 42.43 -19.03
C GLU C 212 22.83 41.03 -18.51
#